data_1XC6
#
_entry.id   1XC6
#
_cell.length_a   110.960
_cell.length_b   110.960
_cell.length_c   161.050
_cell.angle_alpha   90.00
_cell.angle_beta   90.00
_cell.angle_gamma   90.00
#
_symmetry.space_group_name_H-M   'P 43'
#
loop_
_entity.id
_entity.type
_entity.pdbx_description
1 polymer Beta-Galactosidase
2 branched beta-D-mannopyranose-(1-4)-2-acetamido-2-deoxy-beta-D-glucopyranose-(1-4)-2-acetamido-2-deoxy-beta-D-glucopyranose
3 branched alpha-D-mannopyranose-(1-2)-alpha-D-mannopyranose-(1-3)-[alpha-D-mannopyranose-(1-2)-alpha-D-mannopyranose-(1-6)]alpha-D-mannopyranose-(1-6)-[beta-D-mannopyranose-(1-3)]beta-D-mannopyranose-(1-4)-2-acetamido-2-deoxy-beta-D-glucopyranose-(1-4)-2-acetamido-2-deoxy-beta-D-glucopyranose
4 branched 2-acetamido-2-deoxy-beta-D-glucopyranose-(1-4)-2-acetamido-2-deoxy-beta-D-glucopyranose
5 branched alpha-D-mannopyranose-(1-3)-alpha-D-mannopyranose-(1-6)-beta-D-mannopyranose-(1-4)-2-acetamido-2-deoxy-beta-D-glucopyranose-(1-4)-2-acetamido-2-deoxy-beta-D-glucopyranose
6 branched alpha-D-mannopyranose-(1-3)-[alpha-D-mannopyranose-(1-6)]alpha-D-mannopyranose-(1-6)-[alpha-D-mannopyranose-(1-3)]beta-D-mannopyranose-(1-4)-2-acetamido-2-deoxy-beta-D-glucopyranose-(1-4)-2-acetamido-2-deoxy-beta-D-glucopyranose
7 non-polymer 2-acetamido-2-deoxy-beta-D-glucopyranose
8 non-polymer beta-D-galactopyranose
9 non-polymer 'SODIUM ION'
10 non-polymer 'PHOSPHATE ION'
11 non-polymer 'IODIDE ION'
12 non-polymer 1,2-ETHANEDIOL
13 water water
#
_entity_poly.entity_id   1
_entity_poly.type   'polypeptide(L)'
_entity_poly.pdbx_seq_one_letter_code
;LLQKYVTWDEHSIFVNGERLMIFSGEVHPYRLPVASLYIDIFEKVKALGFNCVSFYVDWALLEGNPGHYSAEGIFDLQPF
FDAAKEAGIYLLARPGPYINAEVSGGGFPGWLQRVDGILRTSDEAYLKATDNYASNIAATIAKAQITNGGPIILYQPENE
YSGACCGYNGFPDGSYMQYIEDHARDAGIVVPFISNDAWAAGHNAPGTGAGAVDIYGHDSYPLGFDCANPSTWPSGNLPT
YFHTSHEQQSPSTPYSLVEFQGGAFDPWGGVGFAKCAALLNHEFERVFYKNDFSFGVAFLNLYMIFGGTNWGNLGHPGGY
TSYDYGSAISESRNITREKYSELKLLGNFAKVSPGYLVANPGDLSTSTYTNTADLTVTPLLGSNSSASSFFVIRHSDYSS
QASVEYKLTVPTSAGNLTIPQLGGSLTLSGRDSKIHVTDYDVAGTNILYSTAEVFTWKKFNNEKVLVLYGGPGEHHEFAV
SGASSSSVVEGSSSGISSKKVGKALVVAWDVSTARRIVQVGSLKVFLLDRNSAYNYWVPQVPTKGTAPGYSNQETTASSI
IVKAGYLVRSAYLDGNDLHIQADFNATTPIEVVGAPSGAKNLVINGKKTQTKVDKNGIWSASVAYTAPKVQLPSLKSLKW
KSVDTLPEAKNTYDDSAWTSADHAYTNNSAHSLQTPTSLFASDYGYHTGALLFRGHFTANGKEKTFFVQTKGGTAYGHSI
WINETYVGSWAGTSINDNNNATYTLPTLQSGKNYVITVVIDNMGLDEDWTIGSEDMKNPRGIIQYSLSGQEASAISWKLT
GNLGGENYRDTVRGPLNEGGLYAERQGFHQPQPPTQKWDSSSPFTGLTKPGIRFYSTSFDLDLPSGYDIPLYFNFGNSTS
TPAAYRVQLYVNGYQYGKYVNNIGPQTSFPVPEGILNYHGTNWLALSLWAQEDNGAKLDSFELINTTPVLTSLGEVKSVN
QPKYQARKGAY
;
_entity_poly.pdbx_strand_id   A
#
# COMPACT_ATOMS: atom_id res chain seq x y z
N LEU A 1 4.99 21.44 22.39
CA LEU A 1 6.42 21.47 22.82
C LEU A 1 7.21 22.52 22.02
N LEU A 2 7.44 22.24 20.75
CA LEU A 2 8.19 23.14 19.88
C LEU A 2 7.26 23.95 18.98
N GLN A 3 5.98 23.65 19.03
CA GLN A 3 4.98 24.34 18.22
C GLN A 3 3.59 24.11 18.80
N LYS A 4 2.62 24.91 18.37
CA LYS A 4 1.27 24.80 18.89
C LYS A 4 0.22 24.28 17.90
N TYR A 5 0.63 23.94 16.68
CA TYR A 5 -0.31 23.44 15.69
C TYR A 5 -0.78 22.01 15.98
N VAL A 6 0.14 21.18 16.48
CA VAL A 6 -0.20 19.80 16.80
C VAL A 6 0.11 19.52 18.26
N THR A 7 -0.93 19.35 19.06
CA THR A 7 -0.78 19.07 20.49
C THR A 7 -1.60 17.85 20.88
N TRP A 8 -1.57 17.49 22.17
CA TRP A 8 -2.31 16.32 22.61
C TRP A 8 -2.52 16.24 24.12
N ASP A 9 -3.42 15.34 24.52
CA ASP A 9 -3.67 15.08 25.94
C ASP A 9 -3.95 13.59 26.02
N GLU A 10 -4.40 13.11 27.16
CA GLU A 10 -4.66 11.68 27.33
C GLU A 10 -5.69 11.10 26.36
N HIS A 11 -6.59 11.95 25.87
CA HIS A 11 -7.66 11.50 24.99
C HIS A 11 -7.42 11.55 23.49
N SER A 12 -6.81 12.63 23.00
CA SER A 12 -6.60 12.71 21.56
C SER A 12 -5.58 13.78 21.17
N ILE A 13 -5.34 13.84 19.87
CA ILE A 13 -4.45 14.83 19.31
C ILE A 13 -5.32 16.04 18.99
N PHE A 14 -4.71 17.23 19.04
CA PHE A 14 -5.42 18.46 18.71
C PHE A 14 -4.68 19.07 17.53
N VAL A 15 -5.43 19.49 16.51
CA VAL A 15 -4.82 20.14 15.36
C VAL A 15 -5.43 21.54 15.36
N ASN A 16 -4.58 22.55 15.50
CA ASN A 16 -5.05 23.94 15.55
C ASN A 16 -5.96 24.13 16.76
N GLY A 17 -5.62 23.48 17.87
CA GLY A 17 -6.40 23.60 19.08
C GLY A 17 -7.78 22.96 19.07
N GLU A 18 -8.01 22.07 18.11
CA GLU A 18 -9.31 21.40 17.99
C GLU A 18 -9.08 19.89 17.96
N ARG A 19 -9.80 19.15 18.80
CA ARG A 19 -9.65 17.69 18.83
C ARG A 19 -9.95 17.12 17.45
N LEU A 20 -9.17 16.12 17.04
CA LEU A 20 -9.34 15.49 15.75
C LEU A 20 -9.00 14.01 15.84
N MET A 21 -9.96 13.16 15.47
CA MET A 21 -9.73 11.72 15.48
C MET A 21 -9.03 11.46 14.14
N ILE A 22 -7.76 11.06 14.21
CA ILE A 22 -6.98 10.82 13.00
C ILE A 22 -7.20 9.42 12.43
N PHE A 23 -7.77 9.35 11.24
CA PHE A 23 -8.02 8.09 10.56
C PHE A 23 -7.16 8.20 9.30
N SER A 24 -6.09 7.42 9.25
CA SER A 24 -5.12 7.48 8.16
C SER A 24 -4.98 6.22 7.32
N GLY A 25 -4.44 6.39 6.11
CA GLY A 25 -4.21 5.28 5.20
C GLY A 25 -2.78 5.35 4.71
N GLU A 26 -2.12 4.20 4.58
CA GLU A 26 -0.72 4.17 4.13
C GLU A 26 -0.60 4.17 2.60
N VAL A 27 0.21 5.08 2.08
CA VAL A 27 0.45 5.22 0.65
C VAL A 27 1.93 5.48 0.42
N HIS A 28 2.54 4.74 -0.52
CA HIS A 28 3.97 4.91 -0.81
C HIS A 28 4.20 5.55 -2.17
N PRO A 29 4.61 6.83 -2.19
CA PRO A 29 4.85 7.56 -3.44
C PRO A 29 5.73 6.87 -4.47
N TYR A 30 6.77 6.17 -4.04
CA TYR A 30 7.68 5.49 -4.96
C TYR A 30 7.06 4.25 -5.63
N ARG A 31 5.89 3.83 -5.17
CA ARG A 31 5.23 2.67 -5.76
C ARG A 31 4.20 3.06 -6.84
N LEU A 32 4.13 4.35 -7.12
CA LEU A 32 3.24 4.90 -8.16
C LEU A 32 4.01 6.10 -8.71
N PRO A 33 5.00 5.85 -9.59
CA PRO A 33 5.84 6.88 -10.21
C PRO A 33 5.17 7.79 -11.23
N VAL A 34 3.90 8.11 -11.02
CA VAL A 34 3.16 8.99 -11.93
C VAL A 34 2.56 10.13 -11.10
N ALA A 35 3.25 11.26 -11.09
CA ALA A 35 2.83 12.44 -10.32
C ALA A 35 1.38 12.86 -10.46
N SER A 36 0.86 12.88 -11.69
CA SER A 36 -0.52 13.30 -11.89
C SER A 36 -1.58 12.34 -11.36
N LEU A 37 -1.16 11.19 -10.85
CA LEU A 37 -2.12 10.23 -10.30
C LEU A 37 -2.20 10.29 -8.77
N TYR A 38 -1.29 11.01 -8.13
CA TYR A 38 -1.32 11.11 -6.67
C TYR A 38 -2.65 11.71 -6.20
N ILE A 39 -3.15 12.71 -6.92
CA ILE A 39 -4.41 13.35 -6.54
C ILE A 39 -5.55 12.34 -6.55
N ASP A 40 -5.49 11.35 -7.44
CA ASP A 40 -6.54 10.34 -7.49
C ASP A 40 -6.57 9.50 -6.22
N ILE A 41 -5.39 9.09 -5.74
CA ILE A 41 -5.33 8.30 -4.52
C ILE A 41 -5.83 9.09 -3.32
N PHE A 42 -5.36 10.34 -3.19
CA PHE A 42 -5.77 11.19 -2.07
C PHE A 42 -7.28 11.46 -2.04
N GLU A 43 -7.89 11.66 -3.22
CA GLU A 43 -9.32 11.92 -3.27
C GLU A 43 -10.10 10.67 -2.86
N LYS A 44 -9.59 9.51 -3.23
CA LYS A 44 -10.24 8.25 -2.87
C LYS A 44 -10.11 7.97 -1.37
N VAL A 45 -9.04 8.46 -0.77
CA VAL A 45 -8.83 8.28 0.66
C VAL A 45 -9.73 9.27 1.40
N LYS A 46 -9.76 10.52 0.91
CA LYS A 46 -10.58 11.56 1.51
C LYS A 46 -12.05 11.15 1.47
N ALA A 47 -12.46 10.50 0.39
CA ALA A 47 -13.86 10.07 0.22
C ALA A 47 -14.27 8.98 1.21
N LEU A 48 -13.31 8.37 1.89
CA LEU A 48 -13.60 7.34 2.88
C LEU A 48 -13.94 8.02 4.21
N GLY A 49 -13.70 9.33 4.28
CA GLY A 49 -13.94 10.07 5.51
C GLY A 49 -12.65 10.24 6.29
N PHE A 50 -11.55 9.76 5.71
CA PHE A 50 -10.21 9.85 6.32
C PHE A 50 -9.68 11.29 6.24
N ASN A 51 -8.70 11.60 7.07
CA ASN A 51 -8.12 12.94 7.08
C ASN A 51 -6.60 12.95 7.08
N CYS A 52 -6.00 11.78 6.88
CA CYS A 52 -4.55 11.67 6.91
C CYS A 52 -4.02 10.51 6.08
N VAL A 53 -2.76 10.61 5.68
CA VAL A 53 -2.08 9.57 4.91
C VAL A 53 -0.66 9.43 5.46
N SER A 54 -0.23 8.19 5.63
CA SER A 54 1.10 7.87 6.14
C SER A 54 1.97 7.38 4.98
N PHE A 55 3.22 7.82 4.91
CA PHE A 55 4.09 7.39 3.82
C PHE A 55 5.55 7.17 4.20
N TYR A 56 6.17 6.20 3.53
CA TYR A 56 7.59 5.90 3.72
C TYR A 56 8.36 6.60 2.60
N VAL A 57 9.67 6.75 2.81
CA VAL A 57 10.56 7.30 1.80
C VAL A 57 11.60 6.20 1.66
N ASP A 58 11.85 5.74 0.43
CA ASP A 58 12.80 4.67 0.18
C ASP A 58 14.20 5.20 -0.14
N TRP A 59 15.08 5.13 0.85
CA TRP A 59 16.47 5.58 0.73
C TRP A 59 17.23 4.95 -0.46
N ALA A 60 17.00 3.65 -0.70
CA ALA A 60 17.69 2.96 -1.79
C ALA A 60 17.46 3.60 -3.16
N LEU A 61 16.34 4.30 -3.32
CA LEU A 61 16.02 4.96 -4.58
C LEU A 61 16.57 6.38 -4.68
N LEU A 62 16.83 7.00 -3.53
CA LEU A 62 17.31 8.38 -3.48
C LEU A 62 18.82 8.57 -3.36
N GLU A 63 19.53 7.57 -2.89
CA GLU A 63 20.99 7.69 -2.80
C GLU A 63 21.66 6.43 -3.31
N GLY A 64 21.31 6.04 -4.53
CA GLY A 64 21.89 4.85 -5.14
C GLY A 64 23.38 4.98 -5.29
N ASN A 65 23.85 6.21 -5.50
CA ASN A 65 25.28 6.48 -5.62
C ASN A 65 25.68 7.12 -4.29
N PRO A 66 26.46 6.40 -3.46
CA PRO A 66 26.85 6.96 -2.17
C PRO A 66 27.44 8.36 -2.24
N GLY A 67 26.87 9.28 -1.47
CA GLY A 67 27.35 10.65 -1.45
C GLY A 67 26.51 11.59 -2.29
N HIS A 68 25.58 11.06 -3.07
CA HIS A 68 24.74 11.91 -3.91
C HIS A 68 23.25 11.65 -3.75
N TYR A 69 22.62 12.47 -2.92
CA TYR A 69 21.19 12.37 -2.70
C TYR A 69 20.50 12.99 -3.91
N SER A 70 19.52 12.29 -4.46
CA SER A 70 18.79 12.78 -5.62
C SER A 70 17.32 12.41 -5.55
N ALA A 71 16.47 13.42 -5.46
CA ALA A 71 15.03 13.22 -5.38
C ALA A 71 14.33 14.19 -6.33
N GLU A 72 14.56 14.00 -7.62
CA GLU A 72 13.98 14.86 -8.65
C GLU A 72 13.16 14.03 -9.63
N GLY A 73 12.41 14.70 -10.49
CA GLY A 73 11.59 14.00 -11.47
C GLY A 73 10.56 13.10 -10.81
N ILE A 74 10.56 11.83 -11.18
CA ILE A 74 9.59 10.89 -10.61
C ILE A 74 9.86 10.61 -9.14
N PHE A 75 11.03 11.02 -8.66
CA PHE A 75 11.40 10.82 -7.26
C PHE A 75 11.16 12.08 -6.43
N ASP A 76 10.64 13.12 -7.07
CA ASP A 76 10.36 14.39 -6.40
C ASP A 76 9.13 14.22 -5.50
N LEU A 77 9.27 14.58 -4.23
CA LEU A 77 8.16 14.46 -3.28
C LEU A 77 7.16 15.62 -3.31
N GLN A 78 7.57 16.75 -3.86
CA GLN A 78 6.72 17.94 -3.90
C GLN A 78 5.33 17.69 -4.51
N PRO A 79 5.26 17.00 -5.65
CA PRO A 79 3.93 16.74 -6.25
C PRO A 79 3.05 15.90 -5.32
N PHE A 80 3.69 15.09 -4.47
CA PHE A 80 2.95 14.25 -3.53
C PHE A 80 2.41 15.16 -2.42
N PHE A 81 3.24 16.11 -1.98
CA PHE A 81 2.82 17.04 -0.94
C PHE A 81 1.72 17.96 -1.46
N ASP A 82 1.84 18.38 -2.72
CA ASP A 82 0.84 19.26 -3.33
C ASP A 82 -0.52 18.58 -3.43
N ALA A 83 -0.52 17.32 -3.85
CA ALA A 83 -1.75 16.55 -3.98
C ALA A 83 -2.43 16.41 -2.62
N ALA A 84 -1.65 16.23 -1.56
CA ALA A 84 -2.19 16.07 -0.22
C ALA A 84 -2.92 17.35 0.21
N LYS A 85 -2.29 18.50 -0.03
CA LYS A 85 -2.88 19.79 0.33
C LYS A 85 -4.16 20.03 -0.48
N GLU A 86 -4.07 19.75 -1.78
CA GLU A 86 -5.21 19.93 -2.68
C GLU A 86 -6.42 19.09 -2.26
N ALA A 87 -6.17 17.87 -1.82
CA ALA A 87 -7.24 16.96 -1.40
C ALA A 87 -7.69 17.17 0.05
N GLY A 88 -6.94 17.97 0.81
CA GLY A 88 -7.30 18.19 2.20
C GLY A 88 -6.94 17.03 3.10
N ILE A 89 -5.76 16.46 2.89
CA ILE A 89 -5.28 15.32 3.66
C ILE A 89 -3.97 15.65 4.37
N TYR A 90 -3.90 15.43 5.68
CA TYR A 90 -2.67 15.68 6.43
C TYR A 90 -1.73 14.49 6.20
N LEU A 91 -0.47 14.63 6.60
CA LEU A 91 0.50 13.54 6.38
C LEU A 91 1.38 13.19 7.58
N LEU A 92 1.65 11.89 7.70
CA LEU A 92 2.56 11.38 8.72
C LEU A 92 3.77 10.92 7.90
N ALA A 93 4.91 11.57 8.11
CA ALA A 93 6.12 11.24 7.36
C ALA A 93 6.96 10.18 8.09
N ARG A 94 7.33 9.12 7.37
CA ARG A 94 8.12 8.04 7.94
C ARG A 94 9.31 7.77 7.02
N PRO A 95 10.36 8.61 7.11
CA PRO A 95 11.57 8.50 6.29
C PRO A 95 12.60 7.43 6.65
N GLY A 96 12.37 6.67 7.71
CA GLY A 96 13.33 5.65 8.09
C GLY A 96 14.41 6.18 9.01
N PRO A 97 15.70 6.08 8.61
CA PRO A 97 16.26 5.54 7.37
C PRO A 97 15.80 4.12 7.00
N TYR A 98 15.61 3.27 8.00
CA TYR A 98 15.15 1.91 7.74
C TYR A 98 13.63 1.91 7.73
N ILE A 99 13.02 1.33 6.70
CA ILE A 99 11.57 1.28 6.61
C ILE A 99 10.97 -0.13 6.48
N ASN A 100 11.79 -1.13 6.17
CA ASN A 100 11.33 -2.51 5.99
C ASN A 100 10.42 -2.45 4.74
N ALA A 101 9.11 -2.35 4.94
CA ALA A 101 8.15 -2.18 3.84
C ALA A 101 8.15 -3.16 2.67
N GLU A 102 8.81 -4.30 2.81
CA GLU A 102 8.89 -5.27 1.73
C GLU A 102 9.58 -4.70 0.48
N VAL A 103 10.49 -3.75 0.68
CA VAL A 103 11.24 -3.19 -0.44
C VAL A 103 12.68 -3.71 -0.34
N SER A 104 13.43 -3.64 -1.44
CA SER A 104 14.80 -4.12 -1.44
C SER A 104 15.61 -3.47 -0.31
N GLY A 105 16.32 -4.31 0.44
CA GLY A 105 17.13 -3.82 1.54
C GLY A 105 16.35 -3.25 2.71
N GLY A 106 15.03 -3.31 2.65
CA GLY A 106 14.23 -2.73 3.71
C GLY A 106 14.45 -1.22 3.69
N GLY A 107 14.91 -0.73 2.54
CA GLY A 107 15.18 0.69 2.36
C GLY A 107 16.66 0.99 2.21
N PHE A 108 17.52 0.12 2.73
CA PHE A 108 18.96 0.32 2.66
C PHE A 108 19.55 0.14 1.26
N PRO A 109 20.32 1.13 0.78
CA PRO A 109 20.93 1.01 -0.54
C PRO A 109 21.93 -0.17 -0.48
N GLY A 110 22.16 -0.81 -1.61
CA GLY A 110 23.06 -1.95 -1.64
C GLY A 110 24.47 -1.69 -1.13
N TRP A 111 24.97 -0.47 -1.23
CA TRP A 111 26.32 -0.19 -0.75
C TRP A 111 26.46 -0.31 0.77
N LEU A 112 25.36 -0.48 1.49
CA LEU A 112 25.44 -0.66 2.94
C LEU A 112 26.08 -2.02 3.24
N GLN A 113 26.17 -2.87 2.22
CA GLN A 113 26.79 -4.18 2.42
C GLN A 113 28.30 -4.00 2.61
N ARG A 114 28.81 -2.80 2.31
CA ARG A 114 30.23 -2.52 2.46
C ARG A 114 30.54 -1.72 3.74
N VAL A 115 29.50 -1.39 4.50
CA VAL A 115 29.68 -0.61 5.72
C VAL A 115 30.11 -1.46 6.91
N ASP A 116 31.23 -1.09 7.51
CA ASP A 116 31.79 -1.84 8.63
C ASP A 116 31.12 -1.50 9.97
N GLY A 117 29.87 -1.90 10.09
CA GLY A 117 29.11 -1.66 11.30
C GLY A 117 27.79 -2.37 11.22
N ILE A 118 27.25 -2.77 12.38
CA ILE A 118 25.96 -3.46 12.42
C ILE A 118 24.85 -2.46 12.08
N LEU A 119 23.98 -2.83 11.16
CA LEU A 119 22.89 -1.95 10.74
C LEU A 119 21.86 -1.68 11.84
N ARG A 120 21.37 -0.45 11.90
CA ARG A 120 20.37 -0.03 12.88
C ARG A 120 20.89 -0.03 14.31
N THR A 121 22.15 0.35 14.47
CA THR A 121 22.78 0.43 15.78
C THR A 121 23.61 1.72 15.85
N SER A 122 24.21 1.96 17.01
CA SER A 122 25.06 3.14 17.19
C SER A 122 26.46 2.95 16.62
N ASP A 123 26.72 1.82 15.96
CA ASP A 123 28.04 1.62 15.37
C ASP A 123 28.35 2.85 14.51
N GLU A 124 29.52 3.44 14.74
CA GLU A 124 29.92 4.66 14.04
C GLU A 124 29.82 4.64 12.51
N ALA A 125 30.28 3.56 11.88
CA ALA A 125 30.22 3.48 10.41
C ALA A 125 28.78 3.51 9.89
N TYR A 126 27.87 2.88 10.62
CA TYR A 126 26.48 2.88 10.19
C TYR A 126 25.86 4.26 10.33
N LEU A 127 26.00 4.88 11.50
CA LEU A 127 25.45 6.21 11.72
C LEU A 127 25.93 7.21 10.66
N LYS A 128 27.24 7.21 10.40
CA LYS A 128 27.80 8.12 9.41
C LYS A 128 27.24 7.86 8.01
N ALA A 129 27.00 6.59 7.69
CA ALA A 129 26.46 6.23 6.40
C ALA A 129 25.06 6.79 6.18
N THR A 130 24.33 7.03 7.27
CA THR A 130 22.97 7.55 7.16
C THR A 130 22.85 9.08 7.18
N ASP A 131 23.91 9.77 7.58
CA ASP A 131 23.87 11.24 7.69
C ASP A 131 23.47 12.03 6.45
N ASN A 132 24.00 11.68 5.29
CA ASN A 132 23.66 12.42 4.08
C ASN A 132 22.16 12.32 3.76
N TYR A 133 21.65 11.09 3.75
CA TYR A 133 20.24 10.87 3.47
C TYR A 133 19.36 11.55 4.51
N ALA A 134 19.65 11.30 5.78
CA ALA A 134 18.86 11.85 6.88
C ALA A 134 18.75 13.38 6.83
N SER A 135 19.86 14.05 6.55
CA SER A 135 19.87 15.51 6.48
C SER A 135 19.00 16.03 5.34
N ASN A 136 19.15 15.43 4.16
CA ASN A 136 18.39 15.82 2.98
C ASN A 136 16.88 15.57 3.07
N ILE A 137 16.49 14.36 3.46
CA ILE A 137 15.06 14.06 3.54
C ILE A 137 14.37 14.83 4.67
N ALA A 138 15.05 14.99 5.81
CA ALA A 138 14.46 15.74 6.92
C ALA A 138 14.26 17.21 6.52
N ALA A 139 15.22 17.76 5.79
CA ALA A 139 15.12 19.15 5.34
C ALA A 139 13.92 19.30 4.40
N THR A 140 13.72 18.30 3.52
CA THR A 140 12.61 18.34 2.59
C THR A 140 11.27 18.26 3.33
N ILE A 141 11.19 17.35 4.29
CA ILE A 141 9.97 17.19 5.07
C ILE A 141 9.69 18.43 5.93
N ALA A 142 10.74 18.99 6.51
CA ALA A 142 10.60 20.18 7.36
C ALA A 142 9.87 21.31 6.66
N LYS A 143 10.16 21.51 5.38
CA LYS A 143 9.54 22.57 4.61
C LYS A 143 8.05 22.34 4.38
N ALA A 144 7.64 21.07 4.41
CA ALA A 144 6.24 20.73 4.19
C ALA A 144 5.42 20.58 5.47
N GLN A 145 6.02 20.92 6.62
CA GLN A 145 5.31 20.82 7.90
C GLN A 145 4.14 21.80 7.95
N ILE A 146 3.18 21.49 8.81
CA ILE A 146 2.00 22.32 8.98
C ILE A 146 2.41 23.70 9.53
N THR A 147 3.52 23.73 10.27
CA THR A 147 4.01 24.97 10.85
C THR A 147 4.55 25.89 9.75
N ASN A 148 4.73 25.34 8.56
CA ASN A 148 5.25 26.11 7.43
C ASN A 148 4.17 26.22 6.35
N GLY A 149 2.94 25.85 6.72
CA GLY A 149 1.83 25.92 5.77
C GLY A 149 1.64 24.66 4.94
N GLY A 150 2.28 23.57 5.35
CA GLY A 150 2.16 22.31 4.62
C GLY A 150 1.25 21.30 5.27
N PRO A 151 1.15 20.08 4.71
CA PRO A 151 0.29 19.01 5.24
C PRO A 151 0.86 18.09 6.32
N ILE A 152 2.19 18.07 6.48
CA ILE A 152 2.81 17.18 7.46
C ILE A 152 2.61 17.59 8.92
N ILE A 153 2.01 16.69 9.70
CA ILE A 153 1.72 16.95 11.10
C ILE A 153 2.46 16.04 12.10
N LEU A 154 2.97 14.92 11.61
CA LEU A 154 3.68 13.96 12.47
C LEU A 154 4.91 13.37 11.78
N TYR A 155 5.85 12.90 12.58
CA TYR A 155 7.10 12.35 12.05
C TYR A 155 7.48 11.08 12.80
N GLN A 156 7.82 10.04 12.04
CA GLN A 156 8.22 8.77 12.66
C GLN A 156 9.71 8.48 12.50
N PRO A 157 10.43 8.35 13.62
CA PRO A 157 11.86 8.04 13.55
C PRO A 157 12.02 6.51 13.55
N GLU A 158 12.89 5.98 12.69
CA GLU A 158 13.11 4.54 12.60
C GLU A 158 11.84 3.81 12.18
N ASN A 159 11.77 2.50 12.44
CA ASN A 159 10.60 1.71 12.10
C ASN A 159 10.62 0.40 12.89
N GLU A 160 9.62 0.21 13.73
CA GLU A 160 9.52 -0.98 14.56
C GLU A 160 10.83 -1.28 15.28
N TYR A 161 11.36 -0.28 15.99
CA TYR A 161 12.60 -0.45 16.76
C TYR A 161 12.10 -1.25 17.95
N SER A 162 11.99 -2.56 17.77
CA SER A 162 11.41 -3.42 18.78
C SER A 162 12.13 -4.68 19.24
N GLY A 163 13.25 -5.04 18.62
CA GLY A 163 13.95 -6.25 19.03
C GLY A 163 15.27 -6.52 18.34
N ALA A 164 16.09 -7.37 18.95
CA ALA A 164 17.39 -7.71 18.38
C ALA A 164 17.64 -9.22 18.47
N CYS A 165 18.76 -9.66 17.91
CA CYS A 165 19.13 -11.07 17.93
C CYS A 165 20.54 -11.25 17.43
N CYS A 166 20.89 -12.52 17.34
CA CYS A 166 22.12 -12.94 16.71
C CYS A 166 23.46 -12.32 17.09
N GLY A 167 23.63 -11.91 18.34
CA GLY A 167 24.91 -11.34 18.72
C GLY A 167 24.89 -9.87 19.06
N TYR A 168 23.86 -9.15 18.65
CA TYR A 168 23.77 -7.73 18.98
C TYR A 168 22.93 -7.63 20.25
N ASN A 169 23.54 -7.04 21.28
CA ASN A 169 22.86 -6.93 22.57
C ASN A 169 22.70 -5.51 23.09
N GLY A 170 22.75 -4.52 22.20
CA GLY A 170 22.61 -3.14 22.62
C GLY A 170 21.17 -2.61 22.65
N PHE A 171 20.22 -3.43 22.19
CA PHE A 171 18.83 -3.01 22.16
C PHE A 171 18.12 -3.18 23.50
N PRO A 172 17.32 -2.17 23.91
CA PRO A 172 17.04 -0.92 23.21
C PRO A 172 18.11 0.13 23.51
N ASP A 173 18.65 0.75 22.47
CA ASP A 173 19.69 1.76 22.62
C ASP A 173 19.08 3.15 22.66
N GLY A 174 18.97 3.72 23.86
CA GLY A 174 18.39 5.04 24.02
C GLY A 174 19.06 6.13 23.20
N SER A 175 20.39 6.11 23.16
CA SER A 175 21.12 7.13 22.41
C SER A 175 21.00 6.96 20.90
N TYR A 176 20.70 5.75 20.45
CA TYR A 176 20.53 5.51 19.01
C TYR A 176 19.29 6.27 18.52
N MET A 177 18.15 6.06 19.19
CA MET A 177 16.92 6.75 18.82
C MET A 177 17.04 8.26 19.02
N GLN A 178 17.72 8.65 20.09
CA GLN A 178 17.89 10.07 20.39
C GLN A 178 18.71 10.72 19.27
N TYR A 179 19.64 9.95 18.71
CA TYR A 179 20.48 10.44 17.62
C TYR A 179 19.63 10.74 16.39
N ILE A 180 18.72 9.82 16.05
CA ILE A 180 17.84 10.00 14.90
C ILE A 180 16.92 11.19 15.13
N GLU A 181 16.38 11.28 16.36
CA GLU A 181 15.49 12.38 16.71
C GLU A 181 16.21 13.73 16.70
N ASP A 182 17.39 13.80 17.32
CA ASP A 182 18.16 15.04 17.34
C ASP A 182 18.49 15.52 15.93
N HIS A 183 18.91 14.62 15.06
CA HIS A 183 19.26 15.01 13.70
C HIS A 183 18.06 15.56 12.92
N ALA A 184 16.90 14.97 13.10
CA ALA A 184 15.71 15.45 12.41
C ALA A 184 15.38 16.85 12.95
N ARG A 185 15.45 17.02 14.26
CA ARG A 185 15.16 18.30 14.88
C ARG A 185 16.16 19.35 14.40
N ASP A 186 17.42 18.96 14.28
CA ASP A 186 18.46 19.88 13.82
C ASP A 186 18.22 20.29 12.37
N ALA A 187 17.52 19.44 11.62
CA ALA A 187 17.22 19.75 10.23
C ALA A 187 15.95 20.59 10.09
N GLY A 188 15.33 20.91 11.21
CA GLY A 188 14.13 21.73 11.17
C GLY A 188 12.80 21.07 11.53
N ILE A 189 12.81 19.78 11.83
CA ILE A 189 11.58 19.09 12.19
C ILE A 189 11.12 19.53 13.57
N VAL A 190 9.90 20.08 13.66
CA VAL A 190 9.35 20.54 14.92
C VAL A 190 8.06 19.82 15.34
N VAL A 191 7.43 19.11 14.41
CA VAL A 191 6.19 18.40 14.75
C VAL A 191 6.52 17.25 15.69
N PRO A 192 5.51 16.67 16.35
CA PRO A 192 5.71 15.55 17.29
C PRO A 192 6.22 14.24 16.66
N PHE A 193 7.06 13.54 17.41
CA PHE A 193 7.57 12.24 16.98
C PHE A 193 6.61 11.16 17.47
N ILE A 194 6.27 10.23 16.60
CA ILE A 194 5.39 9.13 16.98
C ILE A 194 6.10 7.83 16.60
N SER A 195 5.99 6.81 17.45
CA SER A 195 6.65 5.53 17.18
C SER A 195 5.69 4.45 16.68
N ASN A 196 6.26 3.32 16.26
CA ASN A 196 5.45 2.21 15.77
C ASN A 196 6.03 0.85 16.20
N ASP A 197 6.00 0.62 17.51
CA ASP A 197 6.49 -0.61 18.13
C ASP A 197 5.86 -1.83 17.45
N ALA A 198 6.66 -2.86 17.19
CA ALA A 198 6.14 -4.07 16.53
C ALA A 198 4.97 -4.67 17.30
N TRP A 199 5.03 -4.58 18.62
CA TRP A 199 3.95 -5.05 19.47
C TRP A 199 3.88 -4.10 20.66
N ALA A 200 2.81 -4.19 21.45
CA ALA A 200 2.65 -3.30 22.60
C ALA A 200 3.65 -3.62 23.71
N ALA A 201 4.88 -3.16 23.53
CA ALA A 201 5.95 -3.39 24.50
C ALA A 201 6.39 -2.13 25.24
N GLY A 202 5.84 -0.97 24.87
CA GLY A 202 6.21 0.26 25.52
C GLY A 202 7.57 0.85 25.18
N HIS A 203 8.23 0.33 24.14
CA HIS A 203 9.54 0.84 23.75
C HIS A 203 9.50 2.32 23.39
N ASN A 204 10.47 3.07 23.91
CA ASN A 204 10.60 4.50 23.65
C ASN A 204 9.39 5.34 24.07
N ALA A 205 8.57 4.82 24.96
CA ALA A 205 7.41 5.57 25.42
C ALA A 205 7.85 6.77 26.26
N PRO A 206 6.99 7.79 26.36
CA PRO A 206 7.33 8.98 27.15
C PRO A 206 7.76 8.55 28.56
N GLY A 207 8.82 9.16 29.08
CA GLY A 207 9.29 8.81 30.40
C GLY A 207 10.39 7.76 30.42
N THR A 208 10.75 7.23 29.24
CA THR A 208 11.79 6.21 29.18
C THR A 208 13.18 6.78 28.98
N GLY A 209 13.31 8.11 29.06
CA GLY A 209 14.60 8.75 28.91
C GLY A 209 15.02 9.01 27.48
N ALA A 210 16.33 8.99 27.23
CA ALA A 210 16.86 9.24 25.89
C ALA A 210 16.16 8.35 24.87
N GLY A 211 15.83 8.92 23.72
CA GLY A 211 15.18 8.18 22.67
C GLY A 211 13.66 8.18 22.70
N ALA A 212 13.10 8.63 23.81
CA ALA A 212 11.65 8.69 23.97
C ALA A 212 10.97 9.56 22.91
N VAL A 213 9.86 9.08 22.36
CA VAL A 213 9.13 9.85 21.37
C VAL A 213 8.06 10.67 22.09
N ASP A 214 7.35 11.52 21.36
CA ASP A 214 6.31 12.35 21.98
C ASP A 214 5.02 11.57 22.20
N ILE A 215 4.68 10.71 21.22
CA ILE A 215 3.48 9.89 21.31
C ILE A 215 3.84 8.44 21.02
N TYR A 216 3.57 7.55 21.97
CA TYR A 216 3.87 6.14 21.80
C TYR A 216 2.86 5.45 20.90
N GLY A 217 3.35 4.71 19.91
CA GLY A 217 2.46 4.00 19.01
C GLY A 217 2.95 2.58 18.76
N HIS A 218 2.06 1.71 18.32
CA HIS A 218 2.45 0.33 18.02
C HIS A 218 1.63 -0.23 16.86
N ASP A 219 2.07 -1.35 16.32
CA ASP A 219 1.40 -1.97 15.18
C ASP A 219 0.68 -3.26 15.55
N SER A 220 -0.14 -3.74 14.62
CA SER A 220 -0.91 -4.97 14.83
C SER A 220 -1.46 -5.55 13.53
N TYR A 221 -1.15 -6.82 13.29
CA TYR A 221 -1.65 -7.54 12.11
C TYR A 221 -2.16 -8.88 12.65
N PRO A 222 -3.27 -8.84 13.39
CA PRO A 222 -3.90 -10.02 14.00
C PRO A 222 -4.22 -11.25 13.14
N LEU A 223 -4.43 -11.09 11.83
CA LEU A 223 -4.73 -12.26 11.00
C LEU A 223 -3.54 -12.82 10.23
N GLY A 224 -2.36 -12.25 10.44
CA GLY A 224 -1.17 -12.75 9.77
C GLY A 224 -1.03 -12.42 8.30
N PHE A 225 -0.04 -13.03 7.65
CA PHE A 225 0.24 -12.77 6.25
C PHE A 225 0.11 -13.95 5.29
N ASP A 226 -0.43 -15.07 5.78
CA ASP A 226 -0.64 -16.24 4.94
C ASP A 226 -2.10 -16.20 4.52
N CYS A 227 -2.38 -15.84 3.27
CA CYS A 227 -3.74 -15.72 2.76
C CYS A 227 -4.29 -16.99 2.10
N ALA A 228 -3.67 -18.14 2.35
CA ALA A 228 -4.10 -19.40 1.74
C ALA A 228 -5.50 -19.89 2.10
N ASN A 229 -5.96 -19.55 3.31
CA ASN A 229 -7.29 -19.95 3.77
C ASN A 229 -8.05 -18.70 4.20
N PRO A 230 -8.51 -17.91 3.21
CA PRO A 230 -9.25 -16.65 3.45
C PRO A 230 -10.49 -16.67 4.34
N SER A 231 -11.13 -17.83 4.49
CA SER A 231 -12.31 -17.89 5.33
C SER A 231 -11.99 -18.37 6.74
N THR A 232 -10.73 -18.69 6.99
CA THR A 232 -10.31 -19.16 8.31
C THR A 232 -9.84 -18.03 9.24
N TRP A 233 -10.53 -17.88 10.36
CA TRP A 233 -10.18 -16.87 11.37
C TRP A 233 -9.78 -17.68 12.61
N PRO A 234 -8.46 -17.88 12.80
CA PRO A 234 -7.92 -18.64 13.93
C PRO A 234 -8.41 -18.24 15.30
N SER A 235 -8.61 -19.23 16.15
CA SER A 235 -9.06 -19.02 17.52
C SER A 235 -8.08 -18.17 18.33
N GLY A 236 -8.60 -17.14 18.98
CA GLY A 236 -7.77 -16.28 19.81
C GLY A 236 -7.00 -15.14 19.15
N ASN A 237 -7.10 -15.00 17.83
CA ASN A 237 -6.36 -13.94 17.13
C ASN A 237 -6.84 -12.52 17.36
N LEU A 238 -8.09 -12.34 17.76
CA LEU A 238 -8.60 -11.00 18.02
C LEU A 238 -8.01 -10.49 19.34
N PRO A 239 -7.27 -9.38 19.30
CA PRO A 239 -6.69 -8.86 20.54
C PRO A 239 -7.73 -8.19 21.44
N THR A 240 -7.56 -8.31 22.76
CA THR A 240 -8.51 -7.73 23.72
C THR A 240 -7.81 -6.93 24.82
N TYR A 241 -6.48 -6.89 24.79
CA TYR A 241 -5.71 -6.20 25.82
C TYR A 241 -5.11 -4.84 25.46
N PHE A 242 -5.36 -4.35 24.26
CA PHE A 242 -4.78 -3.07 23.85
C PHE A 242 -5.02 -1.87 24.78
N HIS A 243 -6.23 -1.75 25.33
CA HIS A 243 -6.51 -0.63 26.23
C HIS A 243 -5.77 -0.80 27.55
N THR A 244 -5.75 -2.01 28.07
CA THR A 244 -5.06 -2.29 29.32
C THR A 244 -3.57 -1.99 29.20
N SER A 245 -2.96 -2.44 28.11
CA SER A 245 -1.53 -2.21 27.90
C SER A 245 -1.24 -0.72 27.71
N HIS A 246 -2.14 -0.02 27.02
CA HIS A 246 -1.94 1.39 26.81
C HIS A 246 -1.90 2.19 28.11
N GLU A 247 -2.82 1.87 29.03
CA GLU A 247 -2.86 2.58 30.31
C GLU A 247 -1.62 2.31 31.16
N GLN A 248 -0.98 1.16 30.94
CA GLN A 248 0.23 0.81 31.69
C GLN A 248 1.49 1.38 31.05
N GLN A 249 1.50 1.45 29.72
CA GLN A 249 2.67 1.91 28.99
C GLN A 249 2.77 3.39 28.62
N SER A 250 1.66 4.02 28.26
CA SER A 250 1.71 5.43 27.88
C SER A 250 0.36 6.15 28.09
N PRO A 251 -0.13 6.17 29.35
CA PRO A 251 -1.40 6.82 29.69
C PRO A 251 -1.50 8.32 29.41
N SER A 252 -0.37 9.00 29.29
CA SER A 252 -0.39 10.44 29.04
C SER A 252 -0.61 10.83 27.58
N THR A 253 -0.56 9.86 26.67
CA THR A 253 -0.75 10.16 25.25
C THR A 253 -1.92 9.38 24.64
N PRO A 254 -2.47 9.89 23.52
CA PRO A 254 -3.60 9.24 22.84
C PRO A 254 -3.25 7.84 22.34
N TYR A 255 -4.12 6.87 22.58
CA TYR A 255 -3.85 5.51 22.11
C TYR A 255 -3.72 5.55 20.59
N SER A 256 -2.59 5.04 20.08
CA SER A 256 -2.33 5.07 18.65
C SER A 256 -1.84 3.77 18.02
N LEU A 257 -2.47 3.40 16.91
CA LEU A 257 -2.09 2.22 16.14
C LEU A 257 -1.54 2.79 14.85
N VAL A 258 -0.22 2.90 14.77
CA VAL A 258 0.45 3.49 13.62
C VAL A 258 0.41 2.60 12.37
N GLU A 259 0.23 1.31 12.59
CA GLU A 259 0.11 0.38 11.48
C GLU A 259 -0.87 -0.71 11.88
N PHE A 260 -2.05 -0.69 11.27
CA PHE A 260 -3.01 -1.74 11.55
C PHE A 260 -3.32 -2.40 10.22
N GLN A 261 -3.36 -3.72 10.24
CA GLN A 261 -3.61 -4.54 9.06
C GLN A 261 -4.72 -4.04 8.11
N GLY A 262 -4.34 -3.84 6.86
CA GLY A 262 -5.29 -3.40 5.84
C GLY A 262 -5.20 -4.36 4.67
N GLY A 263 -4.40 -5.41 4.86
CA GLY A 263 -4.20 -6.41 3.83
C GLY A 263 -3.02 -7.28 4.20
N ALA A 264 -2.32 -7.83 3.21
CA ALA A 264 -1.17 -8.67 3.49
C ALA A 264 -0.24 -8.74 2.29
N PHE A 265 1.04 -8.98 2.53
CA PHE A 265 1.98 -9.12 1.44
C PHE A 265 1.88 -10.58 0.97
N ASP A 266 2.50 -10.91 -0.17
CA ASP A 266 2.44 -12.26 -0.72
C ASP A 266 3.80 -12.55 -1.36
N PRO A 267 4.40 -13.73 -1.04
CA PRO A 267 5.71 -14.12 -1.58
C PRO A 267 5.68 -14.80 -2.95
N TRP A 268 6.86 -14.95 -3.55
CA TRP A 268 6.97 -15.64 -4.82
C TRP A 268 6.40 -17.03 -4.50
N GLY A 269 5.70 -17.62 -5.46
CA GLY A 269 5.11 -18.94 -5.21
C GLY A 269 3.97 -18.84 -4.21
N GLY A 270 3.48 -17.61 -4.00
CA GLY A 270 2.38 -17.39 -3.07
C GLY A 270 1.01 -17.72 -3.62
N VAL A 271 -0.04 -17.22 -2.98
CA VAL A 271 -1.41 -17.52 -3.40
C VAL A 271 -2.10 -16.43 -4.23
N GLY A 272 -1.47 -15.27 -4.39
CA GLY A 272 -2.09 -14.20 -5.15
C GLY A 272 -2.80 -13.23 -4.25
N PHE A 273 -2.79 -11.94 -4.60
CA PHE A 273 -3.42 -10.92 -3.77
C PHE A 273 -4.94 -10.95 -3.74
N ALA A 274 -5.57 -11.68 -4.66
CA ALA A 274 -7.03 -11.77 -4.66
C ALA A 274 -7.43 -12.47 -3.37
N LYS A 275 -6.63 -13.47 -2.97
CA LYS A 275 -6.91 -14.21 -1.74
C LYS A 275 -6.61 -13.37 -0.51
N CYS A 276 -5.66 -12.45 -0.61
CA CYS A 276 -5.37 -11.60 0.53
C CYS A 276 -6.53 -10.62 0.72
N ALA A 277 -7.12 -10.17 -0.39
CA ALA A 277 -8.25 -9.25 -0.30
C ALA A 277 -9.43 -9.99 0.34
N ALA A 278 -9.55 -11.27 0.05
CA ALA A 278 -10.64 -12.09 0.60
C ALA A 278 -10.46 -12.36 2.09
N LEU A 279 -9.21 -12.48 2.54
CA LEU A 279 -8.95 -12.70 3.96
C LEU A 279 -9.23 -11.40 4.72
N LEU A 280 -8.60 -10.32 4.30
CA LEU A 280 -8.80 -9.03 4.94
C LEU A 280 -9.94 -8.30 4.21
N ASN A 281 -11.12 -8.93 4.20
CA ASN A 281 -12.27 -8.37 3.50
C ASN A 281 -13.12 -7.44 4.36
N HIS A 282 -14.30 -7.08 3.87
CA HIS A 282 -15.19 -6.18 4.59
C HIS A 282 -15.62 -6.71 5.96
N GLU A 283 -15.74 -8.03 6.09
CA GLU A 283 -16.12 -8.62 7.36
C GLU A 283 -14.98 -8.45 8.36
N PHE A 284 -13.74 -8.59 7.88
CA PHE A 284 -12.56 -8.42 8.72
C PHE A 284 -12.51 -6.98 9.24
N GLU A 285 -12.81 -6.03 8.35
CA GLU A 285 -12.78 -4.61 8.72
C GLU A 285 -13.81 -4.24 9.79
N ARG A 286 -15.07 -4.60 9.59
CA ARG A 286 -16.08 -4.24 10.57
C ARG A 286 -15.84 -4.87 11.94
N VAL A 287 -15.33 -6.09 11.97
CA VAL A 287 -15.06 -6.74 13.26
C VAL A 287 -13.79 -6.21 13.92
N PHE A 288 -12.66 -6.25 13.21
CA PHE A 288 -11.40 -5.79 13.77
C PHE A 288 -11.20 -4.28 13.92
N TYR A 289 -11.71 -3.48 12.98
CA TYR A 289 -11.53 -2.04 13.09
C TYR A 289 -12.41 -1.47 14.21
N LYS A 290 -13.62 -1.99 14.36
CA LYS A 290 -14.49 -1.52 15.44
C LYS A 290 -13.91 -1.99 16.76
N ASN A 291 -13.20 -3.12 16.74
CA ASN A 291 -12.55 -3.63 17.95
C ASN A 291 -11.50 -2.60 18.36
N ASP A 292 -10.85 -1.97 17.39
CA ASP A 292 -9.85 -0.97 17.71
C ASP A 292 -10.51 0.24 18.37
N PHE A 293 -11.71 0.59 17.91
CA PHE A 293 -12.43 1.70 18.51
C PHE A 293 -12.86 1.36 19.94
N SER A 294 -13.03 0.08 20.23
CA SER A 294 -13.42 -0.33 21.58
C SER A 294 -12.31 0.01 22.57
N PHE A 295 -11.10 0.23 22.07
CA PHE A 295 -9.96 0.59 22.92
C PHE A 295 -9.78 2.09 23.00
N GLY A 296 -10.61 2.84 22.27
CA GLY A 296 -10.51 4.28 22.27
C GLY A 296 -9.37 4.81 21.42
N VAL A 297 -9.03 4.10 20.35
CA VAL A 297 -7.94 4.52 19.47
C VAL A 297 -8.22 5.94 18.93
N ALA A 298 -7.23 6.82 19.05
CA ALA A 298 -7.36 8.20 18.60
C ALA A 298 -6.60 8.49 17.30
N PHE A 299 -5.66 7.60 16.98
CA PHE A 299 -4.88 7.71 15.74
C PHE A 299 -4.81 6.29 15.19
N LEU A 300 -5.41 6.08 14.02
CA LEU A 300 -5.44 4.77 13.40
C LEU A 300 -5.02 4.86 11.93
N ASN A 301 -3.92 4.20 11.58
CA ASN A 301 -3.43 4.19 10.22
C ASN A 301 -3.47 2.76 9.66
N LEU A 302 -4.12 2.60 8.52
CA LEU A 302 -4.24 1.29 7.88
C LEU A 302 -3.15 1.08 6.83
N TYR A 303 -2.43 -0.03 6.98
CA TYR A 303 -1.34 -0.40 6.08
C TYR A 303 -1.76 -1.65 5.34
N MET A 304 -2.00 -1.59 4.02
CA MET A 304 -1.91 -0.40 3.17
C MET A 304 -3.33 0.01 2.80
N ILE A 305 -3.53 1.24 2.32
CA ILE A 305 -4.86 1.66 1.87
C ILE A 305 -4.77 1.52 0.33
N PHE A 306 -3.57 1.76 -0.19
CA PHE A 306 -3.25 1.61 -1.61
C PHE A 306 -1.80 1.10 -1.66
N GLY A 307 -1.60 -0.08 -2.23
CA GLY A 307 -0.27 -0.67 -2.27
C GLY A 307 0.61 -0.27 -3.44
N GLY A 308 0.07 -0.32 -4.65
CA GLY A 308 0.87 0.05 -5.80
C GLY A 308 1.68 -1.08 -6.39
N THR A 309 2.82 -0.73 -6.99
CA THR A 309 3.67 -1.71 -7.68
C THR A 309 5.17 -1.62 -7.40
N ASN A 310 5.81 -2.78 -7.27
CA ASN A 310 7.26 -2.81 -7.04
C ASN A 310 7.96 -2.81 -8.41
N TRP A 311 7.79 -1.73 -9.15
CA TRP A 311 8.40 -1.60 -10.47
C TRP A 311 9.90 -1.41 -10.35
N GLY A 312 10.60 -1.56 -11.47
CA GLY A 312 12.04 -1.38 -11.50
C GLY A 312 12.88 -2.04 -10.42
N ASN A 313 12.57 -3.29 -10.08
CA ASN A 313 13.33 -4.03 -9.08
C ASN A 313 13.40 -3.40 -7.68
N LEU A 314 12.44 -2.55 -7.33
CA LEU A 314 12.50 -1.91 -6.02
C LEU A 314 12.09 -2.80 -4.84
N GLY A 315 11.48 -3.95 -5.13
CA GLY A 315 11.04 -4.83 -4.05
C GLY A 315 12.07 -5.83 -3.54
N HIS A 316 11.78 -6.46 -2.41
CA HIS A 316 12.69 -7.45 -1.83
C HIS A 316 12.33 -8.84 -2.38
N PRO A 317 13.18 -9.86 -2.12
CA PRO A 317 12.91 -11.21 -2.60
C PRO A 317 11.73 -11.90 -1.90
N GLY A 318 11.28 -11.31 -0.80
CA GLY A 318 10.17 -11.89 -0.06
C GLY A 318 8.83 -11.58 -0.71
N GLY A 319 8.87 -10.94 -1.87
CA GLY A 319 7.65 -10.60 -2.59
C GLY A 319 7.96 -10.49 -4.07
N TYR A 320 6.93 -10.36 -4.92
CA TYR A 320 7.16 -10.24 -6.35
C TYR A 320 6.86 -8.81 -6.86
N THR A 321 6.56 -8.67 -8.15
CA THR A 321 6.32 -7.32 -8.70
C THR A 321 5.14 -6.57 -8.10
N SER A 322 3.99 -7.22 -8.04
CA SER A 322 2.79 -6.58 -7.50
C SER A 322 2.84 -6.31 -5.99
N TYR A 323 2.25 -5.19 -5.59
CA TYR A 323 2.14 -4.87 -4.17
C TYR A 323 0.68 -4.46 -3.95
N ASP A 324 -0.22 -5.11 -4.66
CA ASP A 324 -1.66 -4.82 -4.54
C ASP A 324 -2.05 -4.87 -3.07
N TYR A 325 -1.44 -5.81 -2.33
CA TYR A 325 -1.67 -5.96 -0.90
C TYR A 325 -3.09 -6.37 -0.52
N GLY A 326 -3.98 -6.47 -1.51
CA GLY A 326 -5.37 -6.82 -1.22
C GLY A 326 -6.04 -5.68 -0.48
N SER A 327 -5.52 -4.46 -0.65
CA SER A 327 -6.07 -3.29 0.02
C SER A 327 -7.35 -2.74 -0.59
N ALA A 328 -8.00 -1.82 0.12
CA ALA A 328 -9.25 -1.21 -0.31
C ALA A 328 -9.16 -0.60 -1.72
N ILE A 329 -8.07 0.10 -1.99
CA ILE A 329 -7.84 0.68 -3.30
C ILE A 329 -6.85 -0.29 -3.97
N SER A 330 -7.26 -0.91 -5.08
CA SER A 330 -6.42 -1.88 -5.76
C SER A 330 -5.18 -1.32 -6.45
N GLU A 331 -4.31 -2.23 -6.89
CA GLU A 331 -3.07 -1.86 -7.56
C GLU A 331 -3.35 -0.97 -8.78
N SER A 332 -4.47 -1.21 -9.46
CA SER A 332 -4.83 -0.42 -10.63
C SER A 332 -5.65 0.80 -10.24
N ARG A 333 -5.71 1.07 -8.93
CA ARG A 333 -6.42 2.20 -8.36
C ARG A 333 -7.94 2.08 -8.31
N ASN A 334 -8.50 0.90 -8.60
CA ASN A 334 -9.95 0.79 -8.55
C ASN A 334 -10.47 0.57 -7.13
N ILE A 335 -11.73 0.90 -6.94
CA ILE A 335 -12.36 0.76 -5.64
C ILE A 335 -13.66 -0.02 -5.73
N THR A 336 -13.59 -1.18 -6.38
CA THR A 336 -14.75 -2.04 -6.54
C THR A 336 -14.91 -3.00 -5.37
N ARG A 337 -13.82 -3.33 -4.69
CA ARG A 337 -13.87 -4.25 -3.56
C ARG A 337 -14.82 -3.75 -2.47
N GLU A 338 -15.68 -4.64 -1.98
CA GLU A 338 -16.66 -4.27 -0.97
C GLU A 338 -16.02 -3.67 0.29
N LYS A 339 -14.80 -4.08 0.60
CA LYS A 339 -14.10 -3.57 1.78
C LYS A 339 -13.91 -2.05 1.72
N TYR A 340 -13.85 -1.49 0.51
CA TYR A 340 -13.69 -0.04 0.38
C TYR A 340 -14.98 0.64 0.88
N SER A 341 -16.12 0.17 0.38
CA SER A 341 -17.41 0.74 0.77
C SER A 341 -17.69 0.57 2.27
N GLU A 342 -17.34 -0.59 2.82
CA GLU A 342 -17.57 -0.84 4.24
C GLU A 342 -16.72 0.10 5.09
N LEU A 343 -15.47 0.29 4.69
CA LEU A 343 -14.55 1.17 5.42
C LEU A 343 -15.06 2.61 5.41
N LYS A 344 -15.69 3.00 4.30
CA LYS A 344 -16.24 4.35 4.17
C LYS A 344 -17.29 4.61 5.27
N LEU A 345 -18.06 3.58 5.61
CA LEU A 345 -19.08 3.72 6.64
C LEU A 345 -18.45 4.08 8.00
N LEU A 346 -17.37 3.39 8.36
CA LEU A 346 -16.72 3.65 9.63
C LEU A 346 -15.97 4.98 9.63
N GLY A 347 -15.31 5.29 8.52
CA GLY A 347 -14.60 6.55 8.44
C GLY A 347 -15.51 7.76 8.61
N ASN A 348 -16.68 7.69 7.99
CA ASN A 348 -17.63 8.80 8.08
C ASN A 348 -18.28 8.91 9.44
N PHE A 349 -18.41 7.78 10.13
CA PHE A 349 -18.97 7.78 11.47
C PHE A 349 -18.02 8.54 12.40
N ALA A 350 -16.73 8.22 12.31
CA ALA A 350 -15.73 8.87 13.15
C ALA A 350 -15.60 10.36 12.90
N LYS A 351 -15.74 10.75 11.65
CA LYS A 351 -15.61 12.15 11.24
C LYS A 351 -16.66 13.07 11.88
N VAL A 352 -17.81 12.53 12.26
CA VAL A 352 -18.85 13.35 12.87
C VAL A 352 -19.18 13.00 14.31
N SER A 353 -18.29 12.27 14.98
CA SER A 353 -18.53 11.87 16.36
C SER A 353 -17.47 12.33 17.37
N PRO A 354 -17.39 13.64 17.63
CA PRO A 354 -16.39 14.14 18.58
C PRO A 354 -16.57 13.59 20.00
N GLY A 355 -17.80 13.22 20.35
CA GLY A 355 -18.06 12.67 21.67
C GLY A 355 -17.28 11.39 21.95
N TYR A 356 -16.90 10.69 20.89
CA TYR A 356 -16.14 9.45 21.01
C TYR A 356 -14.76 9.68 21.62
N LEU A 357 -14.12 10.78 21.23
CA LEU A 357 -12.78 11.10 21.73
C LEU A 357 -12.68 11.35 23.23
N VAL A 358 -13.76 11.80 23.85
CA VAL A 358 -13.72 12.07 25.29
C VAL A 358 -14.44 11.03 26.14
N ALA A 359 -14.81 9.91 25.52
CA ALA A 359 -15.47 8.83 26.25
C ALA A 359 -14.36 8.01 26.89
N ASN A 360 -14.66 7.32 27.99
CA ASN A 360 -13.66 6.52 28.69
C ASN A 360 -13.81 5.02 28.44
N PRO A 361 -12.86 4.42 27.72
CA PRO A 361 -12.94 2.98 27.44
C PRO A 361 -12.97 2.18 28.74
N GLY A 362 -13.83 1.18 28.80
CA GLY A 362 -13.94 0.35 29.99
C GLY A 362 -13.61 -1.09 29.70
N ASP A 363 -13.97 -1.99 30.61
CA ASP A 363 -13.69 -3.42 30.44
C ASP A 363 -14.81 -4.12 29.68
N LEU A 364 -14.44 -5.04 28.81
CA LEU A 364 -15.41 -5.81 28.04
C LEU A 364 -16.18 -6.71 28.99
N SER A 365 -17.39 -7.10 28.59
CA SER A 365 -18.22 -7.95 29.42
C SER A 365 -19.17 -8.79 28.58
N THR A 366 -19.50 -9.98 29.09
CA THR A 366 -20.42 -10.86 28.40
C THR A 366 -21.73 -10.98 29.17
N SER A 367 -21.90 -10.14 30.19
CA SER A 367 -23.12 -10.19 31.00
C SER A 367 -23.75 -8.85 31.36
N THR A 368 -22.92 -7.81 31.44
CA THR A 368 -23.43 -6.50 31.82
C THR A 368 -24.30 -5.75 30.80
N TYR A 369 -24.01 -5.91 29.50
CA TYR A 369 -24.75 -5.17 28.49
C TYR A 369 -25.74 -5.88 27.58
N THR A 370 -25.84 -7.20 27.65
CA THR A 370 -26.83 -7.90 26.84
C THR A 370 -27.37 -9.07 27.66
N ASN A 371 -28.42 -9.72 27.16
CA ASN A 371 -29.02 -10.83 27.85
C ASN A 371 -28.46 -12.20 27.42
N THR A 372 -27.31 -12.19 26.75
CA THR A 372 -26.70 -13.44 26.31
C THR A 372 -25.18 -13.40 26.33
N ALA A 373 -24.58 -14.45 26.88
CA ALA A 373 -23.12 -14.54 26.98
C ALA A 373 -22.46 -14.81 25.63
N ASP A 374 -23.27 -15.09 24.60
CA ASP A 374 -22.73 -15.35 23.27
C ASP A 374 -22.22 -14.06 22.63
N LEU A 375 -22.51 -12.94 23.27
CA LEU A 375 -22.08 -11.66 22.75
C LEU A 375 -21.22 -10.91 23.76
N THR A 376 -20.25 -10.18 23.25
CA THR A 376 -19.34 -9.41 24.08
C THR A 376 -19.51 -7.93 23.76
N VAL A 377 -19.56 -7.11 24.80
CA VAL A 377 -19.72 -5.67 24.62
C VAL A 377 -18.63 -4.92 25.38
N THR A 378 -18.01 -3.97 24.70
CA THR A 378 -16.99 -3.15 25.33
C THR A 378 -17.54 -1.73 25.35
N PRO A 379 -17.64 -1.14 26.54
CA PRO A 379 -18.16 0.21 26.66
C PRO A 379 -17.14 1.34 26.67
N LEU A 380 -17.58 2.49 26.18
CA LEU A 380 -16.81 3.73 26.18
C LEU A 380 -17.83 4.68 26.79
N LEU A 381 -17.74 4.87 28.09
CA LEU A 381 -18.69 5.69 28.83
C LEU A 381 -18.40 7.19 28.88
N GLY A 382 -19.47 7.98 28.80
CA GLY A 382 -19.34 9.42 28.85
C GLY A 382 -18.86 9.87 30.22
N SER A 383 -18.18 11.01 30.26
CA SER A 383 -17.65 11.55 31.50
C SER A 383 -18.72 11.79 32.55
N ASN A 384 -19.86 12.33 32.14
CA ASN A 384 -20.95 12.59 33.08
C ASN A 384 -22.25 11.95 32.59
N SER A 385 -23.27 11.95 33.46
CA SER A 385 -24.57 11.36 33.15
C SER A 385 -25.18 11.76 31.81
N SER A 386 -24.85 12.96 31.32
CA SER A 386 -25.41 13.41 30.05
C SER A 386 -24.48 13.23 28.84
N ALA A 387 -23.23 12.85 29.09
CA ALA A 387 -22.28 12.65 28.00
C ALA A 387 -22.59 11.40 27.18
N SER A 388 -22.26 11.45 25.89
CA SER A 388 -22.51 10.33 25.00
C SER A 388 -21.64 9.12 25.36
N SER A 389 -22.19 7.94 25.13
CA SER A 389 -21.48 6.69 25.39
C SER A 389 -21.54 5.84 24.13
N PHE A 390 -20.62 4.90 24.00
CA PHE A 390 -20.57 4.01 22.85
C PHE A 390 -20.38 2.57 23.30
N PHE A 391 -21.08 1.66 22.64
CA PHE A 391 -20.98 0.25 23.00
C PHE A 391 -20.67 -0.60 21.78
N VAL A 392 -19.46 -1.15 21.75
CA VAL A 392 -19.02 -2.00 20.65
C VAL A 392 -19.40 -3.44 20.95
N ILE A 393 -20.24 -4.02 20.10
CA ILE A 393 -20.69 -5.38 20.30
C ILE A 393 -20.21 -6.33 19.22
N ARG A 394 -19.91 -7.56 19.62
CA ARG A 394 -19.43 -8.58 18.70
C ARG A 394 -19.73 -9.95 19.30
N HIS A 395 -19.53 -10.99 18.50
CA HIS A 395 -19.72 -12.35 18.99
C HIS A 395 -18.58 -12.62 19.96
N SER A 396 -18.86 -13.32 21.06
CA SER A 396 -17.82 -13.63 22.04
C SER A 396 -16.67 -14.40 21.39
N ASP A 397 -17.01 -15.28 20.46
CA ASP A 397 -16.03 -16.03 19.68
C ASP A 397 -16.02 -15.20 18.39
N TYR A 398 -15.05 -14.30 18.27
CA TYR A 398 -14.97 -13.40 17.12
C TYR A 398 -15.07 -14.03 15.73
N SER A 399 -14.81 -15.33 15.59
CA SER A 399 -14.87 -15.95 14.28
C SER A 399 -16.25 -16.53 13.96
N SER A 400 -17.15 -16.52 14.94
CA SER A 400 -18.48 -17.06 14.76
C SER A 400 -19.25 -16.50 13.56
N GLN A 401 -19.85 -17.40 12.79
CA GLN A 401 -20.64 -17.04 11.62
C GLN A 401 -22.13 -17.18 11.95
N ALA A 402 -22.43 -17.38 13.23
CA ALA A 402 -23.80 -17.55 13.68
C ALA A 402 -24.55 -16.23 13.81
N SER A 403 -25.88 -16.32 13.73
CA SER A 403 -26.75 -15.15 13.86
C SER A 403 -27.35 -15.26 15.25
N VAL A 404 -27.16 -14.23 16.08
CA VAL A 404 -27.66 -14.24 17.45
C VAL A 404 -28.66 -13.14 17.81
N GLU A 405 -29.73 -13.53 18.50
CA GLU A 405 -30.77 -12.61 18.95
C GLU A 405 -30.42 -12.13 20.35
N TYR A 406 -30.75 -10.87 20.65
CA TYR A 406 -30.45 -10.34 21.97
C TYR A 406 -31.18 -9.05 22.29
N LYS A 407 -31.02 -8.61 23.53
CA LYS A 407 -31.59 -7.37 24.01
C LYS A 407 -30.45 -6.62 24.67
N LEU A 408 -30.42 -5.31 24.46
CA LEU A 408 -29.36 -4.46 25.01
C LEU A 408 -29.76 -3.81 26.33
N THR A 409 -28.90 -3.93 27.33
CA THR A 409 -29.14 -3.33 28.64
C THR A 409 -27.99 -2.36 28.92
N VAL A 410 -28.22 -1.09 28.66
CA VAL A 410 -27.19 -0.08 28.83
C VAL A 410 -27.62 1.15 29.62
N PRO A 411 -26.64 1.86 30.22
CA PRO A 411 -26.92 3.06 31.00
C PRO A 411 -27.06 4.28 30.09
N THR A 412 -27.97 5.17 30.43
CA THR A 412 -28.21 6.39 29.65
C THR A 412 -28.58 7.52 30.60
N SER A 413 -28.70 8.73 30.07
CA SER A 413 -29.06 9.89 30.88
C SER A 413 -30.45 9.70 31.49
N ALA A 414 -31.20 8.74 30.97
CA ALA A 414 -32.54 8.48 31.48
C ALA A 414 -32.58 7.23 32.36
N GLY A 415 -31.41 6.72 32.73
CA GLY A 415 -31.34 5.53 33.55
C GLY A 415 -30.96 4.31 32.75
N ASN A 416 -30.91 3.16 33.41
CA ASN A 416 -30.56 1.91 32.74
C ASN A 416 -31.76 1.39 31.95
N LEU A 417 -31.58 1.26 30.64
CA LEU A 417 -32.66 0.80 29.77
C LEU A 417 -32.46 -0.60 29.20
N THR A 418 -33.57 -1.21 28.80
CA THR A 418 -33.57 -2.52 28.18
C THR A 418 -34.17 -2.28 26.80
N ILE A 419 -33.31 -2.34 25.79
CA ILE A 419 -33.70 -2.08 24.39
C ILE A 419 -33.73 -3.40 23.62
N PRO A 420 -34.70 -3.58 22.71
CA PRO A 420 -35.82 -2.72 22.28
C PRO A 420 -36.92 -2.51 23.31
N GLN A 421 -37.27 -1.25 23.55
CA GLN A 421 -38.31 -0.91 24.51
C GLN A 421 -39.73 -1.21 24.03
N LEU A 422 -39.95 -1.18 22.72
CA LEU A 422 -41.29 -1.44 22.19
C LEU A 422 -41.54 -2.91 21.86
N GLY A 423 -40.57 -3.76 22.13
CA GLY A 423 -40.75 -5.18 21.85
C GLY A 423 -39.82 -5.72 20.77
N GLY A 424 -39.73 -7.04 20.67
CA GLY A 424 -38.88 -7.64 19.66
C GLY A 424 -37.44 -7.78 20.12
N SER A 425 -36.58 -8.24 19.22
CA SER A 425 -35.17 -8.44 19.54
C SER A 425 -34.22 -7.90 18.48
N LEU A 426 -32.98 -7.66 18.88
CA LEU A 426 -31.94 -7.17 17.98
C LEU A 426 -31.21 -8.41 17.44
N THR A 427 -30.51 -8.24 16.31
CA THR A 427 -29.79 -9.35 15.71
C THR A 427 -28.37 -8.99 15.32
N LEU A 428 -27.43 -9.89 15.60
CA LEU A 428 -26.03 -9.69 15.21
C LEU A 428 -25.69 -10.87 14.30
N SER A 429 -25.58 -10.61 13.01
CA SER A 429 -25.29 -11.66 12.03
C SER A 429 -23.86 -12.16 12.10
N GLY A 430 -23.55 -13.14 11.25
CA GLY A 430 -22.23 -13.73 11.22
C GLY A 430 -21.12 -12.76 10.92
N ARG A 431 -20.03 -12.86 11.69
CA ARG A 431 -18.87 -12.02 11.53
C ARG A 431 -19.18 -10.54 11.31
N ASP A 432 -20.00 -9.99 12.21
CA ASP A 432 -20.36 -8.59 12.13
C ASP A 432 -20.16 -7.98 13.51
N SER A 433 -20.00 -6.67 13.55
CA SER A 433 -19.82 -5.95 14.80
C SER A 433 -20.49 -4.60 14.60
N LYS A 434 -21.01 -4.03 15.68
CA LYS A 434 -21.68 -2.74 15.59
C LYS A 434 -21.32 -1.84 16.75
N ILE A 435 -21.43 -0.53 16.53
CA ILE A 435 -21.18 0.43 17.58
C ILE A 435 -22.53 1.08 17.90
N HIS A 436 -23.13 0.65 19.01
CA HIS A 436 -24.41 1.20 19.45
C HIS A 436 -24.08 2.47 20.20
N VAL A 437 -24.94 3.49 20.09
CA VAL A 437 -24.68 4.77 20.75
C VAL A 437 -25.81 5.20 21.69
N THR A 438 -25.45 5.96 22.72
CA THR A 438 -26.41 6.49 23.68
C THR A 438 -26.07 7.97 23.90
N ASP A 439 -27.10 8.78 24.09
CA ASP A 439 -26.95 10.21 24.29
C ASP A 439 -26.01 10.81 23.23
N TYR A 440 -26.27 10.44 21.99
CA TYR A 440 -25.49 10.90 20.83
C TYR A 440 -26.04 12.26 20.40
N ASP A 441 -25.18 13.27 20.42
CA ASP A 441 -25.59 14.63 20.08
C ASP A 441 -25.57 15.01 18.60
N VAL A 442 -26.75 15.33 18.07
CA VAL A 442 -26.88 15.75 16.68
C VAL A 442 -27.23 17.24 16.66
N ALA A 443 -26.19 18.08 16.70
CA ALA A 443 -26.36 19.53 16.68
C ALA A 443 -27.38 20.04 17.70
N GLY A 444 -27.29 19.56 18.93
CA GLY A 444 -28.21 20.02 19.97
C GLY A 444 -29.34 19.06 20.29
N THR A 445 -29.72 18.24 19.31
CA THR A 445 -30.79 17.27 19.53
C THR A 445 -30.16 16.00 20.08
N ASN A 446 -30.65 15.53 21.22
CA ASN A 446 -30.10 14.35 21.85
C ASN A 446 -30.77 13.05 21.42
N ILE A 447 -29.98 12.15 20.84
CA ILE A 447 -30.50 10.85 20.43
C ILE A 447 -30.22 9.97 21.64
N LEU A 448 -31.22 9.79 22.49
CA LEU A 448 -31.07 8.98 23.70
C LEU A 448 -30.32 7.67 23.40
N TYR A 449 -30.67 7.04 22.29
CA TYR A 449 -30.00 5.81 21.87
C TYR A 449 -30.40 5.40 20.46
N SER A 450 -29.55 4.58 19.84
CA SER A 450 -29.81 4.05 18.51
C SER A 450 -29.06 2.73 18.41
N THR A 451 -29.79 1.68 18.04
CA THR A 451 -29.16 0.38 17.89
C THR A 451 -28.53 0.35 16.50
N ALA A 452 -29.21 0.94 15.52
CA ALA A 452 -28.67 1.00 14.16
C ALA A 452 -27.49 1.94 14.20
N GLU A 453 -26.53 1.72 13.31
CA GLU A 453 -25.32 2.52 13.26
C GLU A 453 -25.41 3.84 12.51
N VAL A 454 -24.63 4.80 12.97
CA VAL A 454 -24.60 6.13 12.36
C VAL A 454 -23.59 6.22 11.21
N PHE A 455 -24.07 6.62 10.04
CA PHE A 455 -23.19 6.81 8.89
C PHE A 455 -22.69 8.25 8.95
N THR A 456 -23.62 9.18 9.10
CA THR A 456 -23.27 10.59 9.20
C THR A 456 -24.49 11.41 9.63
N TRP A 457 -24.27 12.69 9.88
CA TRP A 457 -25.36 13.60 10.25
C TRP A 457 -24.89 15.00 9.93
N LYS A 458 -25.85 15.88 9.63
CA LYS A 458 -25.55 17.27 9.31
C LYS A 458 -26.69 18.17 9.73
N LYS A 459 -26.38 19.46 9.83
CA LYS A 459 -27.38 20.46 10.17
C LYS A 459 -27.38 21.40 8.97
N PHE A 460 -28.52 21.49 8.30
CA PHE A 460 -28.67 22.37 7.15
C PHE A 460 -29.66 23.46 7.54
N ASN A 461 -29.14 24.65 7.86
CA ASN A 461 -29.98 25.76 8.29
C ASN A 461 -30.69 25.35 9.58
N ASN A 462 -31.97 25.04 9.49
CA ASN A 462 -32.73 24.64 10.67
C ASN A 462 -33.04 23.15 10.66
N GLU A 463 -32.85 22.53 9.49
CA GLU A 463 -33.09 21.11 9.30
C GLU A 463 -31.89 20.27 9.75
N LYS A 464 -32.16 19.14 10.40
CA LYS A 464 -31.11 18.25 10.84
C LYS A 464 -31.33 16.91 10.15
N VAL A 465 -30.26 16.30 9.66
CA VAL A 465 -30.35 15.02 8.97
C VAL A 465 -29.45 13.98 9.64
N LEU A 466 -30.00 12.81 9.90
CA LEU A 466 -29.25 11.72 10.52
C LEU A 466 -29.41 10.48 9.65
N VAL A 467 -28.30 9.86 9.28
CA VAL A 467 -28.34 8.66 8.44
C VAL A 467 -27.96 7.40 9.22
N LEU A 468 -28.92 6.49 9.37
CA LEU A 468 -28.70 5.25 10.10
C LEU A 468 -28.77 4.06 9.15
N TYR A 469 -28.13 2.96 9.51
CA TYR A 469 -28.18 1.76 8.67
C TYR A 469 -28.07 0.49 9.49
N GLY A 470 -28.64 -0.57 8.94
CA GLY A 470 -28.58 -1.87 9.59
C GLY A 470 -28.32 -2.89 8.52
N GLY A 471 -27.87 -4.08 8.93
CA GLY A 471 -27.60 -5.14 7.99
C GLY A 471 -28.90 -5.85 7.66
N PRO A 472 -28.91 -6.71 6.63
CA PRO A 472 -30.09 -7.47 6.22
C PRO A 472 -30.77 -8.23 7.36
N GLY A 473 -32.11 -8.23 7.34
CA GLY A 473 -32.89 -8.94 8.34
C GLY A 473 -32.81 -8.47 9.77
N GLU A 474 -32.37 -7.24 10.00
CA GLU A 474 -32.26 -6.72 11.35
C GLU A 474 -33.43 -5.84 11.78
N HIS A 475 -33.70 -5.83 13.08
CA HIS A 475 -34.75 -4.99 13.65
C HIS A 475 -34.05 -3.99 14.55
N HIS A 476 -34.37 -2.70 14.40
CA HIS A 476 -33.72 -1.66 15.19
C HIS A 476 -34.67 -0.68 15.87
N GLU A 477 -34.10 0.16 16.73
CA GLU A 477 -34.87 1.14 17.47
C GLU A 477 -34.00 2.31 17.90
N PHE A 478 -34.57 3.51 17.89
CA PHE A 478 -33.85 4.70 18.34
C PHE A 478 -34.83 5.59 19.09
N ALA A 479 -34.31 6.52 19.88
CA ALA A 479 -35.16 7.42 20.66
C ALA A 479 -34.60 8.83 20.68
N VAL A 480 -35.50 9.81 20.53
CA VAL A 480 -35.11 11.22 20.54
C VAL A 480 -35.63 11.90 21.80
N SER A 481 -34.73 12.45 22.61
CA SER A 481 -35.11 13.11 23.85
C SER A 481 -35.92 14.39 23.59
N GLY A 482 -37.02 14.54 24.33
CA GLY A 482 -37.85 15.72 24.19
C GLY A 482 -38.76 15.81 22.98
N ALA A 483 -38.76 14.79 22.15
CA ALA A 483 -39.61 14.79 20.96
C ALA A 483 -41.02 14.32 21.32
N SER A 484 -42.03 14.76 20.56
CA SER A 484 -43.41 14.38 20.84
C SER A 484 -44.03 13.36 19.90
N SER A 485 -43.62 13.35 18.63
CA SER A 485 -44.19 12.41 17.68
C SER A 485 -43.31 12.29 16.44
N SER A 486 -43.78 11.56 15.43
CA SER A 486 -43.02 11.38 14.20
C SER A 486 -43.95 11.14 13.02
N SER A 487 -43.40 11.32 11.82
CA SER A 487 -44.13 11.11 10.57
C SER A 487 -43.19 10.44 9.57
N VAL A 488 -43.69 9.47 8.82
CA VAL A 488 -42.88 8.81 7.81
C VAL A 488 -43.02 9.66 6.55
N VAL A 489 -41.96 10.40 6.20
CA VAL A 489 -42.00 11.28 5.04
C VAL A 489 -41.46 10.68 3.73
N GLU A 490 -41.15 9.38 3.76
CA GLU A 490 -40.72 8.66 2.57
C GLU A 490 -40.81 7.16 2.83
N GLY A 491 -41.37 6.44 1.88
CA GLY A 491 -41.51 5.01 2.04
C GLY A 491 -42.75 4.63 2.80
N SER A 492 -43.01 3.33 2.88
CA SER A 492 -44.18 2.83 3.59
C SER A 492 -43.98 2.94 5.11
N SER A 493 -45.07 3.11 5.83
CA SER A 493 -45.00 3.20 7.29
C SER A 493 -45.14 1.80 7.85
N SER A 494 -45.12 0.80 6.96
CA SER A 494 -45.22 -0.59 7.35
C SER A 494 -43.99 -1.05 8.13
N GLY A 495 -44.20 -1.62 9.30
CA GLY A 495 -43.08 -2.09 10.09
C GLY A 495 -42.44 -1.02 10.95
N ILE A 496 -42.99 0.19 10.94
CA ILE A 496 -42.44 1.28 11.74
C ILE A 496 -43.37 1.65 12.88
N SER A 497 -42.85 1.59 14.10
CA SER A 497 -43.62 1.93 15.29
C SER A 497 -43.06 3.20 15.93
N SER A 498 -43.96 4.01 16.49
CA SER A 498 -43.58 5.25 17.13
C SER A 498 -44.40 5.44 18.40
N LYS A 499 -43.73 5.66 19.52
CA LYS A 499 -44.42 5.84 20.79
C LYS A 499 -43.57 6.57 21.82
N LYS A 500 -44.22 7.35 22.68
CA LYS A 500 -43.52 8.08 23.71
C LYS A 500 -43.31 7.19 24.93
N VAL A 501 -42.07 7.14 25.40
CA VAL A 501 -41.72 6.37 26.57
C VAL A 501 -40.93 7.33 27.44
N GLY A 502 -41.54 7.73 28.56
CA GLY A 502 -40.88 8.69 29.43
C GLY A 502 -40.88 10.01 28.69
N LYS A 503 -39.74 10.69 28.66
CA LYS A 503 -39.65 11.97 27.96
C LYS A 503 -39.04 11.86 26.57
N ALA A 504 -38.95 10.63 26.06
CA ALA A 504 -38.38 10.42 24.73
C ALA A 504 -39.36 9.78 23.75
N LEU A 505 -39.20 10.12 22.47
CA LEU A 505 -40.04 9.55 21.42
C LEU A 505 -39.27 8.38 20.82
N VAL A 506 -39.81 7.18 21.00
CA VAL A 506 -39.17 5.95 20.50
C VAL A 506 -39.69 5.51 19.14
N VAL A 507 -38.77 5.17 18.24
CA VAL A 507 -39.11 4.72 16.89
C VAL A 507 -38.46 3.37 16.60
N ALA A 508 -39.27 2.39 16.23
CA ALA A 508 -38.77 1.05 15.91
C ALA A 508 -38.95 0.81 14.41
N TRP A 509 -38.03 0.04 13.82
CA TRP A 509 -38.11 -0.25 12.38
C TRP A 509 -37.37 -1.53 11.98
N ASP A 510 -37.69 -2.04 10.80
CA ASP A 510 -37.05 -3.24 10.25
C ASP A 510 -36.25 -2.81 9.02
N VAL A 511 -35.03 -3.32 8.91
CA VAL A 511 -34.19 -2.98 7.77
C VAL A 511 -34.84 -3.45 6.48
N SER A 512 -34.74 -2.62 5.44
CA SER A 512 -35.31 -2.93 4.14
C SER A 512 -34.43 -2.36 3.03
N THR A 513 -34.52 -2.93 1.84
CA THR A 513 -33.74 -2.43 0.72
C THR A 513 -34.35 -1.11 0.27
N ALA A 514 -35.59 -0.87 0.69
CA ALA A 514 -36.27 0.38 0.36
C ALA A 514 -35.99 1.35 1.49
N ARG A 515 -35.56 2.55 1.15
CA ARG A 515 -35.27 3.57 2.14
C ARG A 515 -36.54 4.14 2.76
N ARG A 516 -36.47 4.47 4.04
CA ARG A 516 -37.57 5.09 4.74
C ARG A 516 -36.99 6.34 5.40
N ILE A 517 -37.74 7.43 5.40
CA ILE A 517 -37.29 8.65 6.05
C ILE A 517 -38.34 8.99 7.10
N VAL A 518 -37.90 9.10 8.34
CA VAL A 518 -38.80 9.41 9.44
C VAL A 518 -38.47 10.80 10.00
N GLN A 519 -39.48 11.66 10.03
CA GLN A 519 -39.34 13.02 10.52
C GLN A 519 -39.72 13.08 12.00
N VAL A 520 -38.80 13.55 12.83
CA VAL A 520 -39.04 13.68 14.27
C VAL A 520 -38.69 15.13 14.59
N GLY A 521 -39.69 15.99 14.60
CA GLY A 521 -39.42 17.39 14.86
C GLY A 521 -38.61 17.91 13.68
N SER A 522 -37.56 18.66 13.96
CA SER A 522 -36.70 19.21 12.90
C SER A 522 -35.66 18.20 12.42
N LEU A 523 -35.75 16.96 12.89
CA LEU A 523 -34.79 15.92 12.53
C LEU A 523 -35.30 14.91 11.50
N LYS A 524 -34.60 14.80 10.37
CA LYS A 524 -34.96 13.84 9.33
C LYS A 524 -34.03 12.64 9.47
N VAL A 525 -34.58 11.48 9.78
CA VAL A 525 -33.79 10.28 9.95
C VAL A 525 -33.91 9.31 8.77
N PHE A 526 -32.81 9.13 8.05
CA PHE A 526 -32.79 8.21 6.91
C PHE A 526 -32.54 6.81 7.47
N LEU A 527 -33.40 5.86 7.13
CA LEU A 527 -33.29 4.49 7.60
C LEU A 527 -32.88 3.62 6.40
N LEU A 528 -31.63 3.18 6.40
CA LEU A 528 -31.10 2.40 5.28
C LEU A 528 -30.61 1.00 5.61
N ASP A 529 -30.41 0.20 4.55
CA ASP A 529 -29.85 -1.12 4.71
C ASP A 529 -28.38 -0.86 4.37
N ARG A 530 -27.46 -1.65 4.93
CA ARG A 530 -26.04 -1.43 4.69
C ARG A 530 -25.64 -1.24 3.23
N ASN A 531 -26.14 -2.10 2.35
CA ASN A 531 -25.77 -1.99 0.95
C ASN A 531 -26.21 -0.71 0.24
N SER A 532 -27.29 -0.08 0.71
CA SER A 532 -27.70 1.18 0.12
C SER A 532 -26.75 2.24 0.65
N ALA A 533 -26.40 2.15 1.92
CA ALA A 533 -25.49 3.11 2.54
C ALA A 533 -24.13 3.13 1.84
N TYR A 534 -23.75 2.00 1.24
CA TYR A 534 -22.48 1.90 0.52
C TYR A 534 -22.38 2.95 -0.58
N ASN A 535 -23.51 3.37 -1.12
CA ASN A 535 -23.53 4.34 -2.21
C ASN A 535 -23.63 5.80 -1.79
N TYR A 536 -23.51 6.07 -0.50
CA TYR A 536 -23.56 7.44 -0.01
C TYR A 536 -22.17 8.03 0.18
N TRP A 537 -22.06 9.34 -0.02
CA TRP A 537 -20.80 10.07 0.11
C TRP A 537 -21.05 11.38 0.87
N VAL A 538 -20.02 11.89 1.55
CA VAL A 538 -20.16 13.14 2.32
C VAL A 538 -19.04 14.14 1.99
N PRO A 539 -19.09 14.72 0.78
CA PRO A 539 -18.10 15.70 0.32
C PRO A 539 -18.18 17.03 1.06
N GLN A 540 -17.02 17.64 1.30
CA GLN A 540 -16.98 18.95 1.94
C GLN A 540 -17.32 19.96 0.84
N VAL A 541 -17.84 21.12 1.22
CA VAL A 541 -18.20 22.14 0.25
C VAL A 541 -17.50 23.44 0.62
N PRO A 542 -16.40 23.76 -0.07
CA PRO A 542 -15.57 24.95 0.12
C PRO A 542 -16.34 26.26 0.01
N THR A 543 -16.00 27.22 0.88
CA THR A 543 -16.66 28.50 0.81
C THR A 543 -16.27 29.13 -0.55
N LYS A 544 -14.97 29.33 -0.75
CA LYS A 544 -14.46 29.87 -2.00
C LYS A 544 -13.42 28.91 -2.57
N GLY A 545 -13.31 28.88 -3.89
CA GLY A 545 -12.34 27.99 -4.51
C GLY A 545 -12.91 26.61 -4.79
N THR A 546 -12.05 25.66 -5.17
CA THR A 546 -12.51 24.31 -5.48
C THR A 546 -11.96 23.23 -4.54
N ALA A 547 -10.89 23.57 -3.81
CA ALA A 547 -10.28 22.62 -2.88
C ALA A 547 -11.15 22.47 -1.63
N PRO A 548 -11.36 21.22 -1.16
CA PRO A 548 -12.18 20.95 0.02
C PRO A 548 -11.64 21.42 1.37
N GLY A 549 -10.33 21.52 1.50
CA GLY A 549 -9.75 21.94 2.77
C GLY A 549 -9.59 20.74 3.70
N TYR A 550 -8.72 20.88 4.70
CA TYR A 550 -8.49 19.80 5.64
C TYR A 550 -9.76 19.53 6.44
N SER A 551 -9.81 18.39 7.12
CA SER A 551 -10.96 18.02 7.91
C SER A 551 -10.88 18.63 9.31
N ASN A 552 -11.91 19.38 9.69
CA ASN A 552 -12.01 19.98 11.01
C ASN A 552 -13.50 20.24 11.25
N GLN A 553 -13.84 20.75 12.44
CA GLN A 553 -15.25 21.00 12.77
C GLN A 553 -15.98 21.86 11.74
N GLU A 554 -15.36 22.96 11.31
CA GLU A 554 -15.98 23.85 10.35
C GLU A 554 -16.23 23.21 8.98
N THR A 555 -15.18 22.65 8.38
CA THR A 555 -15.34 22.01 7.06
C THR A 555 -16.25 20.80 7.14
N THR A 556 -16.29 20.14 8.29
CA THR A 556 -17.15 18.98 8.46
C THR A 556 -18.61 19.45 8.52
N ALA A 557 -18.84 20.56 9.21
CA ALA A 557 -20.18 21.11 9.37
C ALA A 557 -20.82 21.56 8.06
N SER A 558 -20.01 22.09 7.14
CA SER A 558 -20.54 22.58 5.87
C SER A 558 -20.53 21.55 4.74
N SER A 559 -20.40 20.27 5.08
CA SER A 559 -20.41 19.22 4.08
C SER A 559 -21.84 18.87 3.69
N ILE A 560 -22.01 18.21 2.55
CA ILE A 560 -23.33 17.79 2.09
C ILE A 560 -23.36 16.28 1.95
N ILE A 561 -24.54 15.71 1.76
CA ILE A 561 -24.68 14.27 1.63
C ILE A 561 -25.12 13.96 0.19
N VAL A 562 -24.37 13.09 -0.47
CA VAL A 562 -24.66 12.72 -1.85
C VAL A 562 -24.77 11.22 -2.06
N LYS A 563 -25.87 10.78 -2.66
CA LYS A 563 -26.04 9.36 -2.97
C LYS A 563 -25.68 9.24 -4.45
N ALA A 564 -24.73 8.38 -4.77
CA ALA A 564 -24.33 8.21 -6.16
C ALA A 564 -23.86 6.80 -6.44
N GLY A 565 -22.73 6.67 -7.14
CA GLY A 565 -22.24 5.35 -7.47
C GLY A 565 -20.79 5.07 -7.10
N TYR A 566 -20.01 4.74 -8.12
CA TYR A 566 -18.61 4.39 -7.98
C TYR A 566 -17.78 5.34 -7.10
N LEU A 567 -17.89 6.64 -7.33
CA LEU A 567 -17.11 7.60 -6.55
C LEU A 567 -17.60 9.04 -6.63
N VAL A 568 -17.41 9.77 -5.53
CA VAL A 568 -17.72 11.20 -5.47
C VAL A 568 -16.44 11.79 -4.91
N ARG A 569 -15.72 12.52 -5.76
CA ARG A 569 -14.44 13.12 -5.40
C ARG A 569 -14.53 14.41 -4.60
N SER A 570 -15.34 15.35 -5.06
CA SER A 570 -15.47 16.62 -4.38
C SER A 570 -16.69 17.41 -4.83
N ALA A 571 -16.89 18.56 -4.19
CA ALA A 571 -18.01 19.44 -4.51
C ALA A 571 -17.66 20.87 -4.14
N TYR A 572 -18.22 21.83 -4.86
CA TYR A 572 -17.98 23.23 -4.56
C TYR A 572 -19.08 24.10 -5.16
N LEU A 573 -19.30 25.25 -4.54
CA LEU A 573 -20.34 26.17 -4.99
C LEU A 573 -19.74 27.37 -5.72
N ASP A 574 -20.10 27.53 -6.99
CA ASP A 574 -19.63 28.65 -7.79
C ASP A 574 -20.85 29.45 -8.24
N GLY A 575 -21.11 30.56 -7.54
CA GLY A 575 -22.28 31.36 -7.89
C GLY A 575 -23.51 30.59 -7.45
N ASN A 576 -24.40 30.29 -8.38
CA ASN A 576 -25.59 29.52 -8.04
C ASN A 576 -25.50 28.10 -8.61
N ASP A 577 -24.28 27.69 -8.95
CA ASP A 577 -24.06 26.36 -9.49
C ASP A 577 -23.33 25.47 -8.49
N LEU A 578 -23.95 24.35 -8.13
CA LEU A 578 -23.32 23.41 -7.22
C LEU A 578 -22.59 22.43 -8.13
N HIS A 579 -21.26 22.39 -8.01
CA HIS A 579 -20.43 21.50 -8.81
C HIS A 579 -20.06 20.24 -8.05
N ILE A 580 -20.28 19.09 -8.66
CA ILE A 580 -19.93 17.82 -8.04
C ILE A 580 -19.07 17.02 -9.01
N GLN A 581 -17.89 16.62 -8.56
CA GLN A 581 -16.98 15.82 -9.38
C GLN A 581 -17.12 14.37 -8.95
N ALA A 582 -17.46 13.50 -9.88
CA ALA A 582 -17.65 12.09 -9.57
C ALA A 582 -17.23 11.16 -10.69
N ASP A 583 -17.20 9.86 -10.37
CA ASP A 583 -16.83 8.82 -11.33
C ASP A 583 -17.96 7.81 -11.38
N PHE A 584 -18.16 7.23 -12.55
CA PHE A 584 -19.25 6.28 -12.74
C PHE A 584 -18.80 5.05 -13.53
N ASN A 585 -19.28 3.87 -13.13
CA ASN A 585 -18.93 2.66 -13.86
C ASN A 585 -20.20 1.95 -14.28
N ALA A 586 -21.31 2.70 -14.27
CA ALA A 586 -22.63 2.20 -14.64
C ALA A 586 -23.63 3.36 -14.54
N THR A 587 -24.83 3.19 -15.11
CA THR A 587 -25.84 4.24 -15.04
C THR A 587 -26.09 4.49 -13.57
N THR A 588 -26.05 5.76 -13.16
CA THR A 588 -26.17 6.08 -11.75
C THR A 588 -27.18 7.12 -11.30
N PRO A 589 -28.13 6.74 -10.44
CA PRO A 589 -29.14 7.67 -9.93
C PRO A 589 -28.39 8.60 -8.97
N ILE A 590 -28.69 9.89 -9.01
CA ILE A 590 -28.01 10.85 -8.14
C ILE A 590 -28.97 11.55 -7.18
N GLU A 591 -28.51 11.77 -5.95
CA GLU A 591 -29.30 12.47 -4.94
C GLU A 591 -28.40 13.38 -4.12
N VAL A 592 -28.80 14.64 -3.99
CA VAL A 592 -28.04 15.60 -3.21
C VAL A 592 -28.90 16.10 -2.06
N VAL A 593 -28.37 15.97 -0.85
CA VAL A 593 -29.07 16.39 0.36
C VAL A 593 -28.31 17.52 1.03
N GLY A 594 -28.98 18.66 1.20
CA GLY A 594 -28.36 19.79 1.87
C GLY A 594 -27.67 20.80 0.96
N ALA A 595 -28.06 20.85 -0.30
CA ALA A 595 -27.45 21.80 -1.23
C ALA A 595 -27.56 23.20 -0.63
N PRO A 596 -26.48 24.00 -0.73
CA PRO A 596 -26.47 25.36 -0.19
C PRO A 596 -27.67 26.18 -0.68
N SER A 597 -28.12 27.12 0.17
CA SER A 597 -29.27 27.96 -0.18
C SER A 597 -29.08 28.74 -1.48
N GLY A 598 -27.85 29.14 -1.76
CA GLY A 598 -27.58 29.89 -2.97
C GLY A 598 -27.46 29.03 -4.23
N ALA A 599 -27.51 27.71 -4.06
CA ALA A 599 -27.39 26.80 -5.18
C ALA A 599 -28.70 26.66 -5.95
N LYS A 600 -28.64 26.88 -7.26
CA LYS A 600 -29.82 26.78 -8.11
C LYS A 600 -29.71 25.67 -9.15
N ASN A 601 -28.49 25.45 -9.64
CA ASN A 601 -28.25 24.42 -10.67
C ASN A 601 -27.26 23.37 -10.22
N LEU A 602 -27.37 22.19 -10.83
CA LEU A 602 -26.47 21.08 -10.51
C LEU A 602 -25.58 20.81 -11.72
N VAL A 603 -24.27 20.90 -11.52
CA VAL A 603 -23.30 20.66 -12.58
C VAL A 603 -22.44 19.47 -12.19
N ILE A 604 -22.54 18.39 -12.95
CA ILE A 604 -21.77 17.18 -12.69
C ILE A 604 -20.65 17.05 -13.72
N ASN A 605 -19.42 17.01 -13.23
CA ASN A 605 -18.24 16.90 -14.10
C ASN A 605 -18.28 17.95 -15.21
N GLY A 606 -18.61 19.19 -14.82
CA GLY A 606 -18.66 20.28 -15.78
C GLY A 606 -19.87 20.34 -16.69
N LYS A 607 -20.80 19.39 -16.56
CA LYS A 607 -21.98 19.37 -17.41
C LYS A 607 -23.27 19.69 -16.66
N LYS A 608 -24.01 20.69 -17.14
CA LYS A 608 -25.28 21.06 -16.51
C LYS A 608 -26.17 19.84 -16.54
N THR A 609 -26.79 19.53 -15.41
CA THR A 609 -27.64 18.34 -15.32
C THR A 609 -29.07 18.64 -14.91
N GLN A 610 -30.03 18.04 -15.60
CA GLN A 610 -31.44 18.22 -15.31
C GLN A 610 -31.74 17.65 -13.93
N THR A 611 -32.24 18.51 -13.04
CA THR A 611 -32.54 18.09 -11.67
C THR A 611 -33.98 18.36 -11.24
N LYS A 612 -34.47 17.55 -10.31
CA LYS A 612 -35.81 17.69 -9.76
C LYS A 612 -35.70 17.61 -8.23
N VAL A 613 -36.58 18.30 -7.53
CA VAL A 613 -36.54 18.28 -6.06
C VAL A 613 -37.78 17.61 -5.50
N ASP A 614 -37.61 16.81 -4.44
CA ASP A 614 -38.75 16.13 -3.83
C ASP A 614 -39.22 16.84 -2.57
N LYS A 615 -40.24 16.28 -1.94
CA LYS A 615 -40.81 16.86 -0.73
C LYS A 615 -39.78 17.13 0.36
N ASN A 616 -38.83 16.22 0.51
CA ASN A 616 -37.81 16.38 1.53
C ASN A 616 -36.65 17.29 1.17
N GLY A 617 -36.82 18.04 0.07
CA GLY A 617 -35.77 18.95 -0.36
C GLY A 617 -34.56 18.27 -0.97
N ILE A 618 -34.74 17.03 -1.40
CA ILE A 618 -33.66 16.27 -2.00
C ILE A 618 -33.59 16.47 -3.52
N TRP A 619 -32.41 16.85 -4.02
CA TRP A 619 -32.19 17.04 -5.44
C TRP A 619 -31.92 15.67 -6.06
N SER A 620 -32.55 15.38 -7.18
CA SER A 620 -32.35 14.10 -7.85
C SER A 620 -32.04 14.30 -9.33
N ALA A 621 -31.19 13.42 -9.85
CA ALA A 621 -30.79 13.45 -11.26
C ALA A 621 -30.29 12.07 -11.62
N SER A 622 -29.80 11.91 -12.84
CA SER A 622 -29.29 10.63 -13.30
C SER A 622 -28.14 10.80 -14.27
N VAL A 623 -27.15 9.92 -14.17
CA VAL A 623 -25.99 9.97 -15.07
C VAL A 623 -25.96 8.68 -15.86
N ALA A 624 -26.08 8.80 -17.18
CA ALA A 624 -26.08 7.62 -18.04
C ALA A 624 -24.66 7.16 -18.34
N TYR A 625 -24.49 5.84 -18.47
CA TYR A 625 -23.19 5.28 -18.77
C TYR A 625 -23.29 4.25 -19.88
N THR A 626 -22.39 4.38 -20.86
CA THR A 626 -22.33 3.44 -21.98
C THR A 626 -20.88 3.06 -22.20
N ALA A 627 -20.56 1.78 -22.02
CA ALA A 627 -19.20 1.30 -22.19
C ALA A 627 -18.64 1.72 -23.54
N PRO A 628 -17.53 2.49 -23.52
CA PRO A 628 -16.92 2.95 -24.76
C PRO A 628 -16.11 1.84 -25.43
N LYS A 629 -15.78 2.04 -26.70
CA LYS A 629 -15.00 1.05 -27.44
C LYS A 629 -13.53 1.31 -27.09
N VAL A 630 -12.83 0.26 -26.67
CA VAL A 630 -11.43 0.39 -26.31
C VAL A 630 -10.59 -0.46 -27.26
N GLN A 631 -9.91 0.22 -28.20
CA GLN A 631 -9.08 -0.49 -29.17
C GLN A 631 -7.66 -0.72 -28.70
N LEU A 632 -7.33 -1.98 -28.50
CA LEU A 632 -6.00 -2.38 -28.03
C LEU A 632 -5.34 -3.25 -29.09
N PRO A 633 -4.01 -3.18 -29.21
CA PRO A 633 -3.34 -4.00 -30.21
C PRO A 633 -3.25 -5.46 -29.81
N SER A 634 -3.10 -6.33 -30.81
CA SER A 634 -2.94 -7.76 -30.56
C SER A 634 -1.43 -7.92 -30.56
N LEU A 635 -0.86 -8.08 -29.37
CA LEU A 635 0.59 -8.20 -29.24
C LEU A 635 1.24 -9.20 -30.18
N LYS A 636 0.58 -10.33 -30.39
CA LYS A 636 1.13 -11.36 -31.27
C LYS A 636 1.22 -10.91 -32.72
N SER A 637 0.35 -9.97 -33.12
CA SER A 637 0.32 -9.49 -34.50
C SER A 637 1.23 -8.31 -34.77
N LEU A 638 1.86 -7.76 -33.73
CA LEU A 638 2.77 -6.63 -33.91
C LEU A 638 4.05 -7.10 -34.60
N LYS A 639 4.81 -6.14 -35.12
CA LYS A 639 6.08 -6.42 -35.80
C LYS A 639 7.19 -6.40 -34.75
N TRP A 640 7.78 -7.57 -34.48
CA TRP A 640 8.83 -7.67 -33.47
C TRP A 640 10.24 -7.78 -34.03
N LYS A 641 11.20 -7.22 -33.29
CA LYS A 641 12.60 -7.29 -33.65
C LYS A 641 13.27 -7.88 -32.42
N SER A 642 14.32 -8.68 -32.60
CA SER A 642 15.00 -9.27 -31.47
C SER A 642 16.49 -9.42 -31.70
N VAL A 643 17.22 -9.55 -30.60
CA VAL A 643 18.67 -9.72 -30.64
C VAL A 643 19.08 -10.66 -29.51
N ASP A 644 20.17 -11.39 -29.73
CA ASP A 644 20.70 -12.31 -28.72
C ASP A 644 21.26 -11.43 -27.60
N THR A 645 20.74 -11.58 -26.38
CA THR A 645 21.26 -10.74 -25.30
C THR A 645 22.24 -11.46 -24.39
N LEU A 646 22.92 -12.46 -24.96
CA LEU A 646 23.94 -13.20 -24.24
C LEU A 646 25.15 -13.39 -25.17
N PRO A 647 25.69 -12.28 -25.69
CA PRO A 647 26.84 -12.37 -26.60
C PRO A 647 28.05 -12.93 -25.86
N GLU A 648 27.99 -12.95 -24.53
CA GLU A 648 29.09 -13.47 -23.73
C GLU A 648 29.34 -14.96 -24.02
N ALA A 649 28.34 -15.62 -24.58
CA ALA A 649 28.46 -17.05 -24.89
C ALA A 649 29.14 -17.30 -26.24
N LYS A 650 29.81 -16.29 -26.78
CA LYS A 650 30.52 -16.42 -28.07
C LYS A 650 32.01 -16.24 -27.86
N ASN A 651 32.81 -17.02 -28.60
CA ASN A 651 34.27 -16.95 -28.47
C ASN A 651 34.84 -15.60 -28.87
N THR A 652 34.03 -14.79 -29.54
CA THR A 652 34.48 -13.47 -29.98
C THR A 652 34.22 -12.37 -28.95
N TYR A 653 33.52 -12.70 -27.85
CA TYR A 653 33.23 -11.68 -26.85
C TYR A 653 34.47 -11.22 -26.07
N ASP A 654 34.61 -9.91 -25.96
CA ASP A 654 35.73 -9.31 -25.25
C ASP A 654 35.24 -8.59 -23.99
N ASP A 655 35.62 -9.13 -22.82
CA ASP A 655 35.20 -8.56 -21.55
C ASP A 655 36.26 -7.69 -20.88
N SER A 656 37.19 -7.17 -21.67
CA SER A 656 38.26 -6.32 -21.15
C SER A 656 37.76 -5.13 -20.33
N ALA A 657 36.63 -4.55 -20.73
CA ALA A 657 36.09 -3.39 -20.05
C ALA A 657 35.31 -3.72 -18.78
N TRP A 658 35.14 -5.01 -18.49
CA TRP A 658 34.40 -5.42 -17.30
C TRP A 658 35.23 -5.16 -16.04
N THR A 659 34.55 -5.03 -14.90
CA THR A 659 35.20 -4.80 -13.63
C THR A 659 35.93 -6.09 -13.23
N SER A 660 37.15 -5.97 -12.73
CA SER A 660 37.92 -7.13 -12.30
C SER A 660 37.54 -7.48 -10.87
N ALA A 661 37.08 -8.71 -10.65
CA ALA A 661 36.71 -9.15 -9.31
C ALA A 661 37.99 -9.65 -8.66
N ASP A 662 38.89 -8.72 -8.36
CA ASP A 662 40.19 -9.07 -7.79
C ASP A 662 40.45 -8.65 -6.35
N HIS A 663 39.40 -8.32 -5.59
CA HIS A 663 39.60 -7.93 -4.20
C HIS A 663 39.87 -9.16 -3.34
N ALA A 664 41.06 -9.24 -2.77
CA ALA A 664 41.42 -10.36 -1.91
C ALA A 664 40.89 -10.09 -0.50
N TYR A 665 39.68 -9.56 -0.44
CA TYR A 665 39.02 -9.23 0.82
C TYR A 665 37.58 -8.83 0.50
N THR A 666 36.72 -8.80 1.52
CA THR A 666 35.35 -8.38 1.33
C THR A 666 35.05 -7.27 2.34
N ASN A 667 34.13 -6.38 2.00
CA ASN A 667 33.75 -5.30 2.90
C ASN A 667 32.48 -5.69 3.66
N ASN A 668 32.01 -6.91 3.41
CA ASN A 668 30.81 -7.42 4.05
C ASN A 668 31.21 -7.89 5.45
N SER A 669 30.80 -7.15 6.47
CA SER A 669 31.15 -7.48 7.85
C SER A 669 30.41 -8.69 8.42
N ALA A 670 29.39 -9.17 7.71
CA ALA A 670 28.62 -10.31 8.19
C ALA A 670 28.99 -11.63 7.52
N HIS A 671 29.78 -11.57 6.45
CA HIS A 671 30.17 -12.79 5.74
C HIS A 671 31.64 -12.84 5.32
N SER A 672 32.36 -13.84 5.80
CA SER A 672 33.77 -13.98 5.43
C SER A 672 33.85 -14.72 4.10
N LEU A 673 34.89 -14.45 3.32
CA LEU A 673 35.07 -15.07 2.01
C LEU A 673 35.45 -16.55 2.04
N GLN A 674 35.01 -17.27 1.03
CA GLN A 674 35.31 -18.69 0.88
C GLN A 674 36.01 -18.91 -0.47
N THR A 675 36.25 -17.80 -1.18
CA THR A 675 36.90 -17.83 -2.49
C THR A 675 38.15 -16.93 -2.42
N PRO A 676 39.11 -17.13 -3.34
CA PRO A 676 40.35 -16.33 -3.38
C PRO A 676 40.08 -14.83 -3.36
N THR A 677 39.12 -14.39 -4.16
CA THR A 677 38.76 -12.97 -4.22
C THR A 677 37.27 -12.88 -3.99
N SER A 678 36.79 -11.69 -3.62
CA SER A 678 35.36 -11.52 -3.40
C SER A 678 34.57 -11.64 -4.69
N LEU A 679 33.49 -12.42 -4.63
CA LEU A 679 32.61 -12.56 -5.78
C LEU A 679 31.22 -12.13 -5.31
N PHE A 680 31.19 -11.23 -4.32
CA PHE A 680 29.93 -10.66 -3.80
C PHE A 680 29.75 -9.40 -4.64
N ALA A 681 28.69 -9.34 -5.45
CA ALA A 681 28.44 -8.20 -6.33
C ALA A 681 28.49 -6.80 -5.67
N SER A 682 27.94 -6.68 -4.47
CA SER A 682 27.93 -5.37 -3.79
C SER A 682 29.32 -4.83 -3.45
N ASP A 683 30.30 -5.71 -3.29
CA ASP A 683 31.66 -5.27 -2.99
C ASP A 683 32.19 -4.45 -4.18
N TYR A 684 31.56 -4.61 -5.33
CA TYR A 684 31.98 -3.92 -6.55
C TYR A 684 30.94 -2.92 -7.04
N GLY A 685 29.93 -2.64 -6.22
CA GLY A 685 28.92 -1.67 -6.59
C GLY A 685 27.77 -2.10 -7.46
N TYR A 686 27.57 -3.42 -7.59
CA TYR A 686 26.46 -3.94 -8.41
C TYR A 686 25.41 -4.53 -7.46
N HIS A 687 24.27 -3.86 -7.35
CA HIS A 687 23.24 -4.29 -6.41
C HIS A 687 21.87 -4.66 -6.97
N THR A 688 21.68 -4.55 -8.28
CA THR A 688 20.36 -4.80 -8.83
C THR A 688 20.32 -5.50 -10.19
N GLY A 689 19.29 -6.30 -10.40
CA GLY A 689 19.12 -7.00 -11.66
C GLY A 689 20.10 -8.12 -11.95
N ALA A 690 20.09 -8.60 -13.19
CA ALA A 690 20.97 -9.69 -13.60
C ALA A 690 22.44 -9.39 -13.35
N LEU A 691 23.14 -10.37 -12.79
CA LEU A 691 24.56 -10.24 -12.49
C LEU A 691 25.31 -11.32 -13.29
N LEU A 692 26.43 -10.94 -13.91
CA LEU A 692 27.21 -11.89 -14.68
C LEU A 692 28.65 -12.00 -14.20
N PHE A 693 29.15 -13.24 -14.13
CA PHE A 693 30.52 -13.49 -13.72
C PHE A 693 31.22 -14.31 -14.80
N ARG A 694 32.46 -13.96 -15.11
CA ARG A 694 33.24 -14.68 -16.11
C ARG A 694 34.58 -15.06 -15.50
N GLY A 695 34.80 -16.37 -15.37
CA GLY A 695 36.04 -16.87 -14.79
C GLY A 695 36.98 -17.43 -15.84
N HIS A 696 38.12 -16.76 -16.01
CA HIS A 696 39.13 -17.14 -16.99
C HIS A 696 40.18 -18.08 -16.41
N PHE A 697 40.56 -19.09 -17.19
CA PHE A 697 41.59 -20.02 -16.75
C PHE A 697 42.19 -20.81 -17.91
N THR A 698 43.36 -21.37 -17.68
CA THR A 698 44.04 -22.18 -18.68
C THR A 698 43.89 -23.62 -18.19
N ALA A 699 43.28 -24.46 -19.01
CA ALA A 699 43.05 -25.85 -18.64
C ALA A 699 44.36 -26.63 -18.55
N ASN A 700 44.38 -27.64 -17.68
CA ASN A 700 45.54 -28.49 -17.53
C ASN A 700 45.17 -29.92 -17.95
N GLY A 701 43.94 -30.07 -18.40
CA GLY A 701 43.46 -31.38 -18.86
C GLY A 701 42.92 -32.30 -17.78
N LYS A 702 43.08 -31.91 -16.52
CA LYS A 702 42.61 -32.74 -15.42
C LYS A 702 41.20 -32.38 -14.94
N GLU A 703 40.62 -31.33 -15.50
CA GLU A 703 39.29 -30.90 -15.09
C GLU A 703 38.23 -31.97 -15.37
N LYS A 704 37.25 -32.07 -14.48
CA LYS A 704 36.15 -33.02 -14.63
C LYS A 704 34.84 -32.40 -14.17
N THR A 705 34.88 -31.68 -13.05
CA THR A 705 33.68 -31.05 -12.51
C THR A 705 33.93 -29.63 -12.03
N PHE A 706 32.85 -28.87 -11.96
CA PHE A 706 32.89 -27.50 -11.48
C PHE A 706 31.80 -27.37 -10.43
N PHE A 707 32.20 -27.25 -9.18
CA PHE A 707 31.25 -27.09 -8.09
C PHE A 707 31.06 -25.59 -7.88
N VAL A 708 29.84 -25.17 -7.57
CA VAL A 708 29.58 -23.77 -7.33
C VAL A 708 28.32 -23.53 -6.52
N GLN A 709 28.38 -22.54 -5.64
CA GLN A 709 27.24 -22.15 -4.83
C GLN A 709 26.97 -20.70 -5.23
N THR A 710 25.79 -20.45 -5.77
CA THR A 710 25.40 -19.12 -6.17
C THR A 710 24.30 -18.65 -5.22
N LYS A 711 24.07 -17.34 -5.17
CA LYS A 711 23.05 -16.77 -4.30
C LYS A 711 22.47 -15.52 -4.92
N GLY A 712 21.16 -15.49 -5.13
CA GLY A 712 20.53 -14.33 -5.73
C GLY A 712 19.24 -13.91 -5.04
N GLY A 713 18.94 -14.50 -3.90
CA GLY A 713 17.72 -14.18 -3.18
C GLY A 713 16.60 -15.17 -3.50
N THR A 714 15.59 -15.20 -2.65
CA THR A 714 14.46 -16.12 -2.84
C THR A 714 13.92 -16.10 -4.26
N ALA A 715 13.74 -17.29 -4.84
CA ALA A 715 13.20 -17.45 -6.19
C ALA A 715 14.14 -17.09 -7.34
N TYR A 716 15.41 -16.83 -7.04
CA TYR A 716 16.36 -16.49 -8.09
C TYR A 716 16.69 -17.75 -8.92
N GLY A 717 17.44 -17.55 -9.99
CA GLY A 717 17.88 -18.65 -10.83
C GLY A 717 19.22 -18.29 -11.46
N HIS A 718 19.91 -19.28 -12.03
CA HIS A 718 21.18 -19.01 -12.70
C HIS A 718 21.37 -19.95 -13.88
N SER A 719 22.26 -19.58 -14.78
CA SER A 719 22.58 -20.39 -15.95
C SER A 719 24.09 -20.28 -16.19
N ILE A 720 24.69 -21.37 -16.64
CA ILE A 720 26.14 -21.40 -16.84
C ILE A 720 26.61 -21.95 -18.20
N TRP A 721 27.67 -21.35 -18.72
CA TRP A 721 28.29 -21.74 -19.99
C TRP A 721 29.81 -21.76 -19.79
N ILE A 722 30.50 -22.57 -20.59
CA ILE A 722 31.96 -22.59 -20.58
C ILE A 722 32.25 -22.32 -22.05
N ASN A 723 32.70 -21.09 -22.32
CA ASN A 723 32.93 -20.62 -23.68
C ASN A 723 31.54 -20.68 -24.33
N GLU A 724 31.40 -21.37 -25.47
CA GLU A 724 30.10 -21.45 -26.13
C GLU A 724 29.25 -22.65 -25.70
N THR A 725 29.79 -23.50 -24.83
CA THR A 725 29.07 -24.69 -24.41
C THR A 725 28.20 -24.55 -23.15
N TYR A 726 26.91 -24.84 -23.29
CA TYR A 726 25.98 -24.77 -22.17
C TYR A 726 26.34 -25.82 -21.13
N VAL A 727 26.34 -25.41 -19.86
CA VAL A 727 26.67 -26.33 -18.77
C VAL A 727 25.42 -26.72 -17.97
N GLY A 728 24.58 -25.74 -17.65
CA GLY A 728 23.37 -26.04 -16.89
C GLY A 728 22.70 -24.84 -16.26
N SER A 729 21.50 -25.06 -15.73
CA SER A 729 20.73 -23.99 -15.08
C SER A 729 20.09 -24.44 -13.78
N TRP A 730 19.94 -23.49 -12.86
CA TRP A 730 19.22 -23.70 -11.61
C TRP A 730 18.01 -22.81 -11.89
N ALA A 731 16.85 -23.43 -12.09
CA ALA A 731 15.62 -22.69 -12.40
C ALA A 731 14.96 -22.00 -11.21
N GLY A 732 15.38 -22.35 -10.01
CA GLY A 732 14.84 -21.74 -8.81
C GLY A 732 13.54 -22.29 -8.25
N THR A 733 13.26 -21.95 -6.99
CA THR A 733 12.03 -22.37 -6.33
C THR A 733 11.64 -21.27 -5.34
N SER A 734 10.40 -21.35 -4.86
CA SER A 734 9.89 -20.36 -3.91
C SER A 734 10.54 -20.43 -2.53
N ILE A 735 11.35 -21.45 -2.26
CA ILE A 735 12.00 -21.54 -0.95
C ILE A 735 13.53 -21.50 -0.99
N ASN A 736 14.12 -21.29 -2.16
CA ASN A 736 15.58 -21.25 -2.25
C ASN A 736 16.12 -19.86 -2.56
N ASP A 737 17.09 -19.40 -1.77
CA ASP A 737 17.72 -18.11 -2.04
C ASP A 737 19.15 -18.35 -2.51
N ASN A 738 19.58 -19.61 -2.46
CA ASN A 738 20.92 -20.02 -2.90
C ASN A 738 20.84 -21.48 -3.38
N ASN A 739 21.89 -21.95 -4.06
CA ASN A 739 21.92 -23.32 -4.57
C ASN A 739 23.34 -23.88 -4.69
N ASN A 740 23.52 -25.13 -4.31
CA ASN A 740 24.82 -25.80 -4.41
C ASN A 740 24.71 -26.82 -5.54
N ALA A 741 25.69 -26.84 -6.43
CA ALA A 741 25.65 -27.80 -7.53
C ALA A 741 27.03 -28.18 -8.03
N THR A 742 27.19 -29.46 -8.34
CA THR A 742 28.45 -29.97 -8.88
C THR A 742 28.13 -30.32 -10.33
N TYR A 743 28.64 -29.52 -11.26
CA TYR A 743 28.42 -29.73 -12.68
C TYR A 743 29.57 -30.48 -13.33
N THR A 744 29.25 -31.45 -14.19
CA THR A 744 30.31 -32.15 -14.90
C THR A 744 30.61 -31.26 -16.10
N LEU A 745 31.82 -31.32 -16.60
CA LEU A 745 32.21 -30.49 -17.74
C LEU A 745 32.64 -31.32 -18.93
N PRO A 746 32.60 -30.72 -20.13
CA PRO A 746 33.03 -31.47 -21.31
C PRO A 746 34.56 -31.51 -21.24
N THR A 747 35.18 -32.44 -21.95
CA THR A 747 36.64 -32.55 -21.91
C THR A 747 37.30 -31.26 -22.38
N LEU A 748 38.40 -30.89 -21.72
CA LEU A 748 39.13 -29.67 -22.07
C LEU A 748 40.57 -29.99 -22.49
N GLN A 749 41.14 -29.16 -23.34
CA GLN A 749 42.51 -29.36 -23.81
C GLN A 749 43.52 -28.57 -22.98
N SER A 750 44.50 -29.28 -22.43
CA SER A 750 45.54 -28.66 -21.62
C SER A 750 46.24 -27.59 -22.43
N GLY A 751 46.49 -26.43 -21.82
CA GLY A 751 47.17 -25.35 -22.52
C GLY A 751 46.27 -24.32 -23.19
N LYS A 752 44.99 -24.64 -23.39
CA LYS A 752 44.07 -23.68 -24.01
C LYS A 752 43.29 -22.89 -22.96
N ASN A 753 42.86 -21.68 -23.33
CA ASN A 753 42.11 -20.83 -22.42
C ASN A 753 40.60 -21.00 -22.55
N TYR A 754 39.92 -20.99 -21.41
CA TYR A 754 38.47 -21.12 -21.36
C TYR A 754 37.89 -20.08 -20.42
N VAL A 755 36.60 -19.81 -20.57
CA VAL A 755 35.92 -18.86 -19.71
C VAL A 755 34.57 -19.41 -19.27
N ILE A 756 34.34 -19.42 -17.96
CA ILE A 756 33.07 -19.90 -17.41
C ILE A 756 32.18 -18.69 -17.15
N THR A 757 31.05 -18.63 -17.84
CA THR A 757 30.12 -17.53 -17.67
C THR A 757 28.93 -17.96 -16.81
N VAL A 758 28.72 -17.26 -15.70
CA VAL A 758 27.62 -17.55 -14.79
C VAL A 758 26.67 -16.35 -14.76
N VAL A 759 25.42 -16.56 -15.16
CA VAL A 759 24.41 -15.50 -15.16
C VAL A 759 23.48 -15.74 -13.98
N ILE A 760 23.35 -14.74 -13.10
CA ILE A 760 22.53 -14.87 -11.90
C ILE A 760 21.44 -13.81 -11.82
N ASP A 761 20.20 -14.24 -11.62
CA ASP A 761 19.09 -13.32 -11.50
C ASP A 761 19.01 -12.85 -10.05
N ASN A 762 19.17 -11.54 -9.83
CA ASN A 762 19.12 -10.95 -8.50
C ASN A 762 17.66 -10.55 -8.25
N MET A 763 17.06 -11.08 -7.18
CA MET A 763 15.66 -10.79 -6.89
C MET A 763 15.49 -9.62 -5.92
N GLY A 764 16.59 -8.94 -5.60
CA GLY A 764 16.55 -7.83 -4.69
C GLY A 764 17.33 -8.17 -3.44
N LEU A 765 17.56 -7.18 -2.58
CA LEU A 765 18.30 -7.42 -1.34
C LEU A 765 17.30 -7.62 -0.20
N ASP A 766 17.67 -8.44 0.78
CA ASP A 766 16.77 -8.73 1.90
C ASP A 766 16.61 -7.57 2.87
N GLU A 767 15.55 -7.63 3.66
CA GLU A 767 15.29 -6.64 4.69
C GLU A 767 16.17 -6.98 5.89
N ASP A 768 16.15 -6.14 6.92
CA ASP A 768 16.92 -6.35 8.15
C ASP A 768 15.91 -6.20 9.30
N TRP A 769 14.87 -7.02 9.29
CA TRP A 769 13.81 -6.95 10.29
C TRP A 769 14.23 -7.01 11.75
N THR A 770 15.09 -7.96 12.11
CA THR A 770 15.54 -8.06 13.49
C THR A 770 16.97 -7.51 13.58
N ILE A 771 17.15 -6.48 14.40
CA ILE A 771 18.45 -5.84 14.56
C ILE A 771 19.50 -6.84 15.03
N GLY A 772 20.59 -6.93 14.27
CA GLY A 772 21.66 -7.86 14.61
C GLY A 772 21.66 -9.05 13.68
N SER A 773 20.55 -9.30 13.00
CA SER A 773 20.48 -10.42 12.07
C SER A 773 21.36 -10.12 10.85
N GLU A 774 21.45 -8.84 10.49
CA GLU A 774 22.24 -8.41 9.35
C GLU A 774 21.77 -9.10 8.05
N ASP A 775 20.50 -9.52 8.01
CA ASP A 775 19.99 -10.19 6.81
C ASP A 775 20.13 -9.36 5.52
N MET A 776 20.07 -8.04 5.66
CA MET A 776 20.20 -7.18 4.49
C MET A 776 21.56 -7.37 3.82
N LYS A 777 22.54 -7.83 4.59
CA LYS A 777 23.88 -8.05 4.05
C LYS A 777 24.07 -9.40 3.35
N ASN A 778 23.00 -10.16 3.20
CA ASN A 778 23.12 -11.43 2.48
C ASN A 778 23.59 -11.05 1.07
N PRO A 779 24.77 -11.55 0.66
CA PRO A 779 25.32 -11.24 -0.66
C PRO A 779 24.63 -11.85 -1.87
N ARG A 780 24.97 -11.32 -3.04
CA ARG A 780 24.45 -11.77 -4.31
C ARG A 780 25.66 -12.07 -5.19
N GLY A 781 25.74 -13.30 -5.69
CA GLY A 781 26.87 -13.68 -6.53
C GLY A 781 27.34 -15.11 -6.27
N ILE A 782 28.65 -15.32 -6.35
CA ILE A 782 29.23 -16.64 -6.14
C ILE A 782 29.81 -16.73 -4.72
N ILE A 783 29.31 -17.69 -3.95
CA ILE A 783 29.74 -17.88 -2.56
C ILE A 783 30.88 -18.89 -2.45
N GLN A 784 30.82 -19.93 -3.29
CA GLN A 784 31.82 -20.99 -3.31
C GLN A 784 32.00 -21.51 -4.74
N TYR A 785 33.16 -22.09 -5.00
CA TYR A 785 33.44 -22.70 -6.30
C TYR A 785 34.69 -23.56 -6.20
N SER A 786 34.74 -24.60 -7.02
CA SER A 786 35.88 -25.50 -7.04
C SER A 786 35.94 -26.19 -8.40
N LEU A 787 37.07 -26.05 -9.08
CA LEU A 787 37.31 -26.65 -10.37
C LEU A 787 38.25 -27.82 -10.11
N SER A 788 37.74 -29.04 -10.19
CA SER A 788 38.54 -30.23 -9.91
C SER A 788 39.85 -30.25 -10.70
N GLY A 789 40.93 -30.65 -10.02
CA GLY A 789 42.23 -30.71 -10.67
C GLY A 789 42.94 -29.38 -10.78
N GLN A 790 42.35 -28.33 -10.20
CA GLN A 790 42.94 -26.99 -10.26
C GLN A 790 42.78 -26.21 -8.97
N GLU A 791 43.73 -25.32 -8.70
CA GLU A 791 43.67 -24.47 -7.51
C GLU A 791 42.62 -23.41 -7.82
N ALA A 792 41.89 -23.00 -6.80
CA ALA A 792 40.84 -21.98 -6.99
C ALA A 792 41.41 -20.71 -7.61
N SER A 793 42.61 -20.32 -7.18
CA SER A 793 43.27 -19.13 -7.68
C SER A 793 43.65 -19.22 -9.16
N ALA A 794 43.46 -20.39 -9.76
CA ALA A 794 43.78 -20.56 -11.17
C ALA A 794 42.75 -19.83 -12.03
N ILE A 795 41.60 -19.49 -11.43
CA ILE A 795 40.55 -18.79 -12.16
C ILE A 795 40.59 -17.30 -11.80
N SER A 796 40.69 -16.46 -12.82
CA SER A 796 40.70 -15.00 -12.62
C SER A 796 39.32 -14.51 -13.07
N TRP A 797 38.64 -13.77 -12.21
CA TRP A 797 37.28 -13.31 -12.50
C TRP A 797 37.02 -11.85 -12.89
N LYS A 798 35.98 -11.70 -13.72
CA LYS A 798 35.47 -10.42 -14.18
C LYS A 798 33.99 -10.48 -13.83
N LEU A 799 33.36 -9.33 -13.57
CA LEU A 799 31.94 -9.35 -13.26
C LEU A 799 31.28 -8.05 -13.69
N THR A 800 29.96 -8.10 -13.84
CA THR A 800 29.21 -6.91 -14.19
C THR A 800 27.75 -7.02 -13.78
N GLY A 801 27.20 -5.89 -13.38
CA GLY A 801 25.80 -5.79 -13.03
C GLY A 801 25.34 -4.68 -13.97
N ASN A 802 24.43 -3.83 -13.51
CA ASN A 802 23.97 -2.71 -14.34
C ASN A 802 25.21 -1.90 -14.74
N LEU A 803 25.22 -1.39 -15.97
CA LEU A 803 26.37 -0.62 -16.46
C LEU A 803 26.71 0.57 -15.56
N GLY A 804 27.94 0.61 -15.07
CA GLY A 804 28.38 1.70 -14.20
C GLY A 804 28.20 1.43 -12.71
N GLY A 805 27.45 0.38 -12.38
CA GLY A 805 27.22 0.05 -10.99
C GLY A 805 26.56 1.20 -10.24
N GLU A 806 27.17 1.60 -9.12
CA GLU A 806 26.65 2.69 -8.30
C GLU A 806 26.58 4.00 -9.07
N ASN A 807 27.41 4.11 -10.10
CA ASN A 807 27.40 5.30 -10.95
C ASN A 807 26.46 4.91 -12.09
N TYR A 808 25.20 4.66 -11.73
CA TYR A 808 24.20 4.22 -12.70
C TYR A 808 23.94 5.16 -13.87
N ARG A 809 23.59 4.57 -15.00
CA ARG A 809 23.35 5.31 -16.24
C ARG A 809 22.00 6.00 -16.41
N ASP A 810 20.94 5.49 -15.79
CA ASP A 810 19.63 6.11 -15.95
C ASP A 810 19.24 6.95 -14.73
N THR A 811 19.60 8.23 -14.75
CA THR A 811 19.29 9.11 -13.64
C THR A 811 17.79 9.43 -13.54
N VAL A 812 17.10 9.32 -14.66
CA VAL A 812 15.66 9.59 -14.68
C VAL A 812 14.85 8.44 -14.09
N ARG A 813 15.14 7.21 -14.50
CA ARG A 813 14.40 6.06 -14.00
C ARG A 813 14.93 5.47 -12.69
N GLY A 814 16.06 5.97 -12.23
CA GLY A 814 16.60 5.51 -10.97
C GLY A 814 17.72 4.48 -10.99
N PRO A 815 18.30 4.20 -9.81
CA PRO A 815 19.40 3.26 -9.63
C PRO A 815 19.08 1.77 -9.70
N LEU A 816 17.80 1.41 -9.59
CA LEU A 816 17.43 0.00 -9.58
C LEU A 816 16.76 -0.55 -10.85
N ASN A 817 16.20 0.34 -11.66
CA ASN A 817 15.46 -0.02 -12.87
C ASN A 817 16.09 -1.04 -13.84
N GLU A 818 17.36 -0.86 -14.19
CA GLU A 818 17.99 -1.78 -15.14
C GLU A 818 19.02 -2.72 -14.53
N GLY A 819 19.11 -3.92 -15.09
CA GLY A 819 20.05 -4.93 -14.62
C GLY A 819 21.27 -5.01 -15.51
N GLY A 820 22.01 -6.12 -15.39
CA GLY A 820 23.24 -6.28 -16.17
C GLY A 820 23.23 -7.04 -17.48
N LEU A 821 22.06 -7.36 -18.03
CA LEU A 821 22.03 -8.08 -19.31
C LEU A 821 22.53 -7.14 -20.41
N TYR A 822 23.23 -7.71 -21.39
CA TYR A 822 23.78 -6.95 -22.52
C TYR A 822 22.82 -5.90 -23.07
N ALA A 823 21.59 -6.28 -23.38
CA ALA A 823 20.61 -5.34 -23.93
C ALA A 823 20.31 -4.19 -22.96
N GLU A 824 20.31 -4.48 -21.66
CA GLU A 824 20.05 -3.45 -20.66
C GLU A 824 21.24 -2.51 -20.57
N ARG A 825 22.44 -3.06 -20.55
CA ARG A 825 23.66 -2.26 -20.47
C ARG A 825 23.77 -1.29 -21.65
N GLN A 826 23.24 -1.70 -22.80
CA GLN A 826 23.27 -0.87 -24.01
C GLN A 826 22.13 0.14 -24.03
N GLY A 827 21.12 -0.08 -23.20
CA GLY A 827 19.98 0.82 -23.15
C GLY A 827 18.91 0.49 -24.18
N PHE A 828 18.94 -0.73 -24.72
CA PHE A 828 17.97 -1.14 -25.72
C PHE A 828 16.54 -1.28 -25.21
N HIS A 829 16.35 -1.19 -23.89
CA HIS A 829 15.01 -1.31 -23.31
C HIS A 829 14.25 0.01 -23.36
N GLN A 830 14.91 1.06 -23.84
CA GLN A 830 14.29 2.37 -23.92
C GLN A 830 13.61 2.62 -25.27
N PRO A 831 12.78 3.67 -25.36
CA PRO A 831 12.08 4.00 -26.60
C PRO A 831 13.03 4.18 -27.79
N GLN A 832 12.56 3.77 -28.96
CA GLN A 832 13.31 3.88 -30.20
C GLN A 832 14.70 3.27 -30.22
N PRO A 833 14.79 1.96 -29.94
CA PRO A 833 16.09 1.27 -29.93
C PRO A 833 16.58 1.12 -31.38
N PRO A 834 17.88 0.87 -31.59
CA PRO A 834 18.46 0.71 -32.94
C PRO A 834 18.23 -0.71 -33.48
N THR A 835 17.01 -1.00 -33.90
CA THR A 835 16.65 -2.33 -34.39
C THR A 835 16.80 -2.60 -35.89
N GLN A 836 17.42 -1.67 -36.61
CA GLN A 836 17.60 -1.81 -38.05
C GLN A 836 18.12 -3.19 -38.48
N LYS A 837 19.26 -3.58 -37.93
CA LYS A 837 19.87 -4.85 -38.28
C LYS A 837 19.54 -6.01 -37.34
N TRP A 838 18.45 -5.88 -36.57
CA TRP A 838 18.05 -6.94 -35.65
C TRP A 838 17.27 -8.01 -36.40
N ASP A 839 17.12 -9.18 -35.79
CA ASP A 839 16.36 -10.26 -36.42
C ASP A 839 14.88 -9.92 -36.32
N SER A 840 14.09 -10.44 -37.26
CA SER A 840 12.65 -10.23 -37.24
C SER A 840 12.03 -11.49 -36.66
N SER A 841 12.14 -11.63 -35.34
CA SER A 841 11.61 -12.79 -34.64
C SER A 841 10.88 -12.30 -33.39
N SER A 842 9.74 -12.91 -33.07
CA SER A 842 8.96 -12.50 -31.91
C SER A 842 9.07 -13.48 -30.74
N PRO A 843 8.66 -13.04 -29.54
CA PRO A 843 8.72 -13.89 -28.35
C PRO A 843 7.78 -15.10 -28.44
N PHE A 844 6.88 -15.08 -29.43
CA PHE A 844 5.97 -16.19 -29.62
C PHE A 844 6.69 -17.32 -30.38
N THR A 845 7.86 -17.00 -30.93
CA THR A 845 8.68 -17.98 -31.62
C THR A 845 9.71 -18.41 -30.58
N GLY A 846 10.24 -17.42 -29.86
CA GLY A 846 11.20 -17.67 -28.79
C GLY A 846 12.53 -18.32 -29.12
N LEU A 847 13.04 -19.08 -28.15
CA LEU A 847 14.31 -19.78 -28.28
C LEU A 847 14.09 -21.29 -28.34
N THR A 848 15.00 -21.99 -29.00
CA THR A 848 14.91 -23.44 -29.11
C THR A 848 16.01 -24.13 -28.29
N LYS A 849 16.65 -23.36 -27.41
CA LYS A 849 17.72 -23.87 -26.55
C LYS A 849 17.92 -22.89 -25.39
N PRO A 850 18.71 -23.28 -24.37
CA PRO A 850 18.91 -22.33 -23.26
C PRO A 850 19.62 -21.08 -23.77
N GLY A 851 19.23 -19.93 -23.24
CA GLY A 851 19.83 -18.68 -23.65
C GLY A 851 18.95 -17.51 -23.25
N ILE A 852 19.26 -16.32 -23.74
CA ILE A 852 18.48 -15.14 -23.43
C ILE A 852 18.37 -14.23 -24.65
N ARG A 853 17.15 -13.90 -25.04
CA ARG A 853 16.94 -13.00 -26.17
C ARG A 853 16.18 -11.78 -25.72
N PHE A 854 16.40 -10.66 -26.38
CA PHE A 854 15.74 -9.40 -26.06
C PHE A 854 14.81 -9.02 -27.21
N TYR A 855 13.55 -8.71 -26.89
CA TYR A 855 12.57 -8.36 -27.92
C TYR A 855 12.07 -6.95 -27.84
N SER A 856 11.78 -6.37 -29.01
CA SER A 856 11.28 -5.01 -29.11
C SER A 856 10.20 -4.82 -30.16
N THR A 857 9.23 -3.96 -29.83
CA THR A 857 8.15 -3.62 -30.74
C THR A 857 7.49 -2.35 -30.22
N SER A 858 6.59 -1.78 -31.01
CA SER A 858 5.89 -0.58 -30.58
C SER A 858 4.45 -0.64 -31.08
N PHE A 859 3.59 0.16 -30.47
CA PHE A 859 2.18 0.21 -30.86
C PHE A 859 1.62 1.55 -30.42
N ASP A 860 0.61 2.04 -31.14
CA ASP A 860 -0.01 3.31 -30.79
C ASP A 860 -1.31 3.09 -30.04
N LEU A 861 -1.64 4.02 -29.16
CA LEU A 861 -2.90 3.96 -28.42
C LEU A 861 -3.62 5.29 -28.59
N ASP A 862 -4.95 5.22 -28.59
CA ASP A 862 -5.78 6.41 -28.70
C ASP A 862 -7.09 6.03 -28.02
N LEU A 863 -7.00 5.83 -26.70
CA LEU A 863 -8.15 5.43 -25.91
C LEU A 863 -9.12 6.59 -25.70
N PRO A 864 -10.41 6.28 -25.54
CA PRO A 864 -11.43 7.31 -25.34
C PRO A 864 -11.13 8.24 -24.17
N SER A 865 -11.12 9.54 -24.46
CA SER A 865 -10.87 10.54 -23.42
C SER A 865 -12.04 10.63 -22.48
N GLY A 866 -11.79 11.05 -21.24
CA GLY A 866 -12.86 11.18 -20.27
C GLY A 866 -13.10 9.89 -19.49
N TYR A 867 -12.26 8.89 -19.71
CA TYR A 867 -12.39 7.62 -19.00
C TYR A 867 -11.07 7.22 -18.35
N ASP A 868 -11.15 6.62 -17.17
CA ASP A 868 -9.99 6.13 -16.43
C ASP A 868 -10.03 4.63 -16.76
N ILE A 869 -9.09 4.17 -17.58
CA ILE A 869 -9.09 2.78 -18.00
C ILE A 869 -7.84 1.99 -17.59
N PRO A 870 -7.98 1.01 -16.69
CA PRO A 870 -6.85 0.19 -16.26
C PRO A 870 -6.40 -0.80 -17.34
N LEU A 871 -5.11 -0.81 -17.63
CA LEU A 871 -4.54 -1.72 -18.62
C LEU A 871 -3.62 -2.73 -17.94
N TYR A 872 -3.66 -3.98 -18.41
CA TYR A 872 -2.84 -5.06 -17.85
C TYR A 872 -2.19 -5.91 -18.95
N PHE A 873 -0.95 -6.33 -18.71
CA PHE A 873 -0.28 -7.24 -19.65
C PHE A 873 -0.47 -8.61 -19.00
N ASN A 874 -1.11 -9.53 -19.71
CA ASN A 874 -1.37 -10.86 -19.18
C ASN A 874 -0.60 -11.99 -19.89
N PHE A 875 0.03 -12.85 -19.09
CA PHE A 875 0.79 -13.98 -19.63
C PHE A 875 -0.04 -15.25 -19.41
N GLY A 876 -0.01 -16.17 -20.36
CA GLY A 876 -0.75 -17.42 -20.21
C GLY A 876 0.04 -18.45 -19.42
N ASN A 877 -0.66 -19.31 -18.69
CA ASN A 877 -0.03 -20.37 -17.90
C ASN A 877 -1.03 -21.51 -17.70
N SER A 878 -1.46 -22.11 -18.81
CA SER A 878 -2.44 -23.19 -18.75
C SER A 878 -1.89 -24.61 -18.74
N THR A 879 -0.59 -24.76 -18.93
CA THR A 879 0.01 -26.10 -18.93
C THR A 879 0.06 -26.68 -17.52
N SER A 880 0.08 -28.00 -17.42
CA SER A 880 0.13 -28.67 -16.13
C SER A 880 1.55 -28.55 -15.57
N THR A 881 2.54 -28.93 -16.38
CA THR A 881 3.94 -28.84 -16.00
C THR A 881 4.45 -27.53 -16.60
N PRO A 882 4.83 -26.57 -15.76
CA PRO A 882 5.33 -25.29 -16.27
C PRO A 882 6.75 -25.30 -16.82
N ALA A 883 6.93 -24.66 -17.97
CA ALA A 883 8.26 -24.55 -18.57
C ALA A 883 9.06 -23.61 -17.69
N ALA A 884 10.37 -23.76 -17.67
CA ALA A 884 11.21 -22.91 -16.84
C ALA A 884 11.81 -21.75 -17.65
N TYR A 885 11.24 -20.56 -17.49
CA TYR A 885 11.76 -19.38 -18.17
C TYR A 885 11.40 -18.13 -17.39
N ARG A 886 12.20 -17.07 -17.58
CA ARG A 886 12.01 -15.81 -16.89
C ARG A 886 11.87 -14.66 -17.87
N VAL A 887 10.97 -13.74 -17.57
CA VAL A 887 10.71 -12.58 -18.42
C VAL A 887 10.73 -11.27 -17.63
N GLN A 888 11.32 -10.23 -18.22
CA GLN A 888 11.33 -8.90 -17.63
C GLN A 888 10.54 -8.06 -18.62
N LEU A 889 9.53 -7.35 -18.12
CA LEU A 889 8.66 -6.52 -18.94
C LEU A 889 9.04 -5.04 -18.85
N TYR A 890 9.28 -4.42 -20.00
CA TYR A 890 9.65 -3.02 -20.08
C TYR A 890 8.64 -2.21 -20.88
N VAL A 891 8.17 -1.11 -20.31
CA VAL A 891 7.21 -0.23 -20.98
C VAL A 891 7.80 1.17 -21.05
N ASN A 892 8.13 1.62 -22.26
CA ASN A 892 8.73 2.94 -22.46
C ASN A 892 9.96 3.12 -21.57
N GLY A 893 10.72 2.04 -21.41
CA GLY A 893 11.93 2.09 -20.60
C GLY A 893 11.80 1.71 -19.14
N TYR A 894 10.58 1.71 -18.63
CA TYR A 894 10.32 1.37 -17.23
C TYR A 894 10.04 -0.12 -17.05
N GLN A 895 10.82 -0.78 -16.20
CA GLN A 895 10.61 -2.20 -15.97
C GLN A 895 9.38 -2.34 -15.08
N TYR A 896 8.33 -2.97 -15.61
CA TYR A 896 7.11 -3.12 -14.85
C TYR A 896 6.67 -4.55 -14.62
N GLY A 897 7.63 -5.45 -14.51
CA GLY A 897 7.27 -6.83 -14.26
C GLY A 897 8.36 -7.84 -14.40
N LYS A 898 8.39 -8.77 -13.44
CA LYS A 898 9.32 -9.88 -13.45
C LYS A 898 8.40 -11.08 -13.43
N TYR A 899 8.45 -11.88 -14.48
CA TYR A 899 7.60 -13.05 -14.61
C TYR A 899 8.45 -14.32 -14.61
N VAL A 900 8.15 -15.23 -13.67
CA VAL A 900 8.87 -16.49 -13.58
C VAL A 900 7.83 -17.59 -13.76
N ASN A 901 7.76 -18.13 -14.97
CA ASN A 901 6.79 -19.15 -15.34
C ASN A 901 6.69 -20.35 -14.41
N ASN A 902 7.84 -20.83 -13.92
CA ASN A 902 7.85 -22.00 -13.06
C ASN A 902 7.64 -21.74 -11.57
N ILE A 903 7.56 -20.48 -11.16
CA ILE A 903 7.38 -20.17 -9.74
C ILE A 903 6.09 -19.42 -9.41
N GLY A 904 5.75 -18.41 -10.22
CA GLY A 904 4.51 -17.67 -10.00
C GLY A 904 4.48 -16.78 -8.77
N PRO A 905 3.29 -16.31 -8.36
CA PRO A 905 1.97 -16.58 -8.94
C PRO A 905 1.43 -15.53 -9.92
N GLN A 906 2.16 -14.43 -10.11
CA GLN A 906 1.66 -13.37 -10.98
C GLN A 906 1.72 -13.62 -12.48
N THR A 907 0.57 -13.44 -13.13
CA THR A 907 0.43 -13.60 -14.58
C THR A 907 -0.13 -12.33 -15.21
N SER A 908 -0.72 -11.47 -14.39
CA SER A 908 -1.33 -10.22 -14.86
C SER A 908 -0.59 -9.01 -14.27
N PHE A 909 -0.03 -8.18 -15.16
CA PHE A 909 0.75 -7.02 -14.75
C PHE A 909 0.17 -5.66 -15.14
N PRO A 910 -0.42 -4.94 -14.17
CA PRO A 910 -1.00 -3.63 -14.49
C PRO A 910 0.12 -2.59 -14.69
N VAL A 911 -0.12 -1.63 -15.59
CA VAL A 911 0.82 -0.56 -15.88
C VAL A 911 -0.07 0.68 -15.98
N PRO A 912 0.21 1.70 -15.17
CA PRO A 912 -0.59 2.93 -15.18
C PRO A 912 -0.41 3.89 -16.36
N GLU A 913 -1.48 4.64 -16.63
CA GLU A 913 -1.43 5.65 -17.67
C GLU A 913 -0.38 6.60 -17.11
N GLY A 914 0.48 7.15 -17.96
CA GLY A 914 1.54 8.01 -17.48
C GLY A 914 2.85 7.31 -17.84
N ILE A 915 2.86 5.98 -17.64
CA ILE A 915 4.00 5.15 -18.00
C ILE A 915 3.61 4.72 -19.42
N LEU A 916 2.35 4.36 -19.58
CA LEU A 916 1.80 4.00 -20.88
C LEU A 916 1.22 5.29 -21.43
N ASN A 917 1.36 5.51 -22.74
CA ASN A 917 0.84 6.72 -23.36
C ASN A 917 -0.46 6.36 -24.07
N TYR A 918 -1.58 6.83 -23.53
CA TYR A 918 -2.90 6.52 -24.08
C TYR A 918 -3.28 7.24 -25.37
N HIS A 919 -2.47 8.22 -25.77
CA HIS A 919 -2.73 8.95 -27.01
C HIS A 919 -1.43 9.16 -27.77
N GLY A 920 -0.59 8.14 -27.79
CA GLY A 920 0.68 8.24 -28.48
C GLY A 920 1.33 6.89 -28.71
N THR A 921 2.60 6.92 -29.07
CA THR A 921 3.36 5.70 -29.34
C THR A 921 3.91 5.09 -28.05
N ASN A 922 3.96 3.77 -28.01
CA ASN A 922 4.47 3.06 -26.85
C ASN A 922 5.52 2.04 -27.28
N TRP A 923 6.60 1.95 -26.52
CA TRP A 923 7.64 1.00 -26.84
C TRP A 923 7.66 -0.12 -25.81
N LEU A 924 7.42 -1.34 -26.29
CA LEU A 924 7.40 -2.53 -25.46
C LEU A 924 8.67 -3.33 -25.68
N ALA A 925 9.26 -3.81 -24.58
CA ALA A 925 10.48 -4.60 -24.68
C ALA A 925 10.41 -5.72 -23.66
N LEU A 926 11.04 -6.85 -24.00
CA LEU A 926 11.04 -8.01 -23.11
C LEU A 926 12.34 -8.77 -23.23
N SER A 927 12.79 -9.32 -22.10
CA SER A 927 13.96 -10.17 -22.10
C SER A 927 13.31 -11.53 -21.84
N LEU A 928 13.75 -12.56 -22.55
CA LEU A 928 13.21 -13.90 -22.39
C LEU A 928 14.40 -14.81 -22.10
N TRP A 929 14.46 -15.32 -20.87
CA TRP A 929 15.54 -16.17 -20.42
C TRP A 929 15.04 -17.61 -20.27
N ALA A 930 15.43 -18.47 -21.22
CA ALA A 930 15.04 -19.88 -21.18
C ALA A 930 16.01 -20.65 -20.30
N GLN A 931 15.48 -21.32 -19.28
CA GLN A 931 16.32 -22.10 -18.37
C GLN A 931 16.05 -23.60 -18.45
N GLU A 932 15.68 -24.07 -19.63
CA GLU A 932 15.43 -25.49 -19.86
C GLU A 932 16.02 -25.86 -21.22
N ASP A 933 16.38 -27.13 -21.39
CA ASP A 933 16.99 -27.58 -22.63
C ASP A 933 16.23 -27.32 -23.92
N ASN A 934 14.90 -27.33 -23.86
CA ASN A 934 14.09 -27.13 -25.05
C ASN A 934 13.81 -25.67 -25.43
N GLY A 935 14.47 -24.74 -24.74
CA GLY A 935 14.23 -23.34 -25.04
C GLY A 935 12.94 -22.84 -24.39
N ALA A 936 12.36 -21.79 -24.94
CA ALA A 936 11.13 -21.23 -24.38
C ALA A 936 10.49 -20.23 -25.31
N LYS A 937 9.17 -20.08 -25.19
CA LYS A 937 8.42 -19.13 -26.00
C LYS A 937 7.09 -18.83 -25.32
N LEU A 938 6.50 -17.69 -25.66
CA LEU A 938 5.21 -17.32 -25.09
C LEU A 938 4.13 -17.89 -25.97
N ASP A 939 3.08 -18.44 -25.37
CA ASP A 939 1.98 -19.00 -26.15
C ASP A 939 0.81 -18.03 -26.11
N SER A 940 0.69 -17.30 -25.00
CA SER A 940 -0.37 -16.32 -24.83
C SER A 940 0.17 -15.12 -24.05
N PHE A 941 0.14 -13.96 -24.70
CA PHE A 941 0.62 -12.72 -24.11
C PHE A 941 -0.23 -11.61 -24.70
N GLU A 942 -1.08 -10.99 -23.89
CA GLU A 942 -1.98 -9.95 -24.37
C GLU A 942 -2.04 -8.70 -23.50
N LEU A 943 -2.51 -7.62 -24.11
CA LEU A 943 -2.71 -6.35 -23.41
C LEU A 943 -4.23 -6.23 -23.32
N ILE A 944 -4.76 -6.19 -22.11
CA ILE A 944 -6.20 -6.09 -21.92
C ILE A 944 -6.58 -4.97 -20.97
N ASN A 945 -7.86 -4.60 -20.97
CA ASN A 945 -8.35 -3.54 -20.10
C ASN A 945 -9.52 -4.02 -19.25
N THR A 946 -9.74 -3.35 -18.13
CA THR A 946 -10.86 -3.68 -17.26
C THR A 946 -11.88 -2.56 -17.46
N THR A 947 -12.99 -2.63 -16.74
CA THR A 947 -14.07 -1.65 -16.85
C THR A 947 -13.67 -0.18 -17.00
N PRO A 948 -14.03 0.44 -18.13
CA PRO A 948 -13.67 1.86 -18.33
C PRO A 948 -14.53 2.69 -17.38
N VAL A 949 -13.90 3.57 -16.61
CA VAL A 949 -14.62 4.39 -15.65
C VAL A 949 -14.78 5.83 -16.16
N LEU A 950 -16.04 6.27 -16.28
CA LEU A 950 -16.34 7.64 -16.72
C LEU A 950 -15.83 8.48 -15.55
N THR A 951 -14.83 9.31 -15.81
CA THR A 951 -14.19 10.06 -14.73
C THR A 951 -14.09 11.57 -14.85
N SER A 952 -13.85 12.21 -13.70
CA SER A 952 -13.68 13.65 -13.62
C SER A 952 -12.20 13.92 -13.36
N LEU A 953 -11.41 12.84 -13.32
CA LEU A 953 -9.97 12.94 -13.10
C LEU A 953 -9.34 13.65 -14.29
N GLY A 954 -8.49 14.63 -14.01
CA GLY A 954 -7.82 15.35 -15.08
C GLY A 954 -6.96 14.42 -15.91
N GLU A 955 -6.69 14.79 -17.16
CA GLU A 955 -5.87 13.92 -18.01
C GLU A 955 -4.47 13.74 -17.43
N VAL A 956 -4.02 12.49 -17.42
CA VAL A 956 -2.71 12.15 -16.90
C VAL A 956 -1.59 12.62 -17.82
N LYS A 957 -0.56 13.21 -17.23
CA LYS A 957 0.58 13.68 -18.00
C LYS A 957 1.61 12.55 -18.04
N SER A 958 2.13 12.25 -19.22
CA SER A 958 3.13 11.19 -19.37
C SER A 958 4.40 11.60 -18.64
N VAL A 959 5.03 10.66 -17.95
CA VAL A 959 6.27 10.98 -17.25
C VAL A 959 7.41 11.00 -18.26
N ASN A 960 8.56 11.52 -17.83
CA ASN A 960 9.74 11.58 -18.68
C ASN A 960 10.11 10.16 -19.11
N GLN A 961 10.26 9.96 -20.42
CA GLN A 961 10.61 8.65 -20.98
C GLN A 961 11.82 8.77 -21.91
N PRO A 962 13.02 8.91 -21.34
CA PRO A 962 14.26 9.05 -22.11
C PRO A 962 14.41 7.98 -23.20
N LYS A 963 14.68 8.43 -24.41
CA LYS A 963 14.84 7.52 -25.54
C LYS A 963 16.24 6.90 -25.57
N TYR A 964 16.39 5.84 -26.35
CA TYR A 964 17.68 5.17 -26.48
C TYR A 964 18.75 6.11 -27.04
N GLN A 965 19.95 5.99 -26.49
CA GLN A 965 21.11 6.76 -26.92
C GLN A 965 22.32 5.85 -26.80
N ALA A 966 23.17 5.80 -27.83
CA ALA A 966 24.35 4.95 -27.75
C ALA A 966 25.12 5.38 -26.51
N ARG A 967 25.49 4.41 -25.67
CA ARG A 967 26.20 4.70 -24.42
C ARG A 967 27.70 4.51 -24.50
N LYS A 968 28.45 5.50 -24.01
CA LYS A 968 29.90 5.38 -24.01
C LYS A 968 30.35 4.39 -22.95
N GLY A 969 31.34 3.57 -23.29
CA GLY A 969 31.84 2.60 -22.33
C GLY A 969 30.95 1.38 -22.15
N ALA A 970 29.95 1.23 -23.00
CA ALA A 970 29.05 0.09 -22.91
C ALA A 970 29.74 -1.15 -23.46
N TYR A 971 29.27 -2.32 -23.04
CA TYR A 971 29.82 -3.58 -23.49
C TYR A 971 28.77 -4.66 -23.32
#